data_1XJE
#
_entry.id   1XJE
#
_cell.length_a   119.391
_cell.length_b   124.376
_cell.length_c   107.243
_cell.angle_alpha   90.00
_cell.angle_beta   103.68
_cell.angle_gamma   90.00
#
_symmetry.space_group_name_H-M   'C 1 2 1'
#
loop_
_entity.id
_entity.type
_entity.pdbx_description
1 polymer 'ribonucleotide reductase, B12-dependent'
2 non-polymer 'MAGNESIUM ION'
3 non-polymer "GUANOSINE-5'-DIPHOSPHATE"
4 non-polymer "THYMIDINE-5'-TRIPHOSPHATE"
5 non-polymer GLYCEROL
6 water water
#
_entity_poly.entity_id   1
_entity_poly.type   'polypeptide(L)'
_entity_poly.pdbx_seq_one_letter_code
;MKLSDLISRWIDVEPSKNAQIILRDRYFMKDLDGNYLETKWEDVARRVARVVATAELLNPSYKKNEKLDRIKEWEDIFFR
VLKARLFIPNSPTLFNAGLGVKHDLLWKPIDQMTLEDYEEIYRSRNHLHMLSACFVVPVGDSIEEIFEAVKEYALITKVG
GGVGSNFSELRPKGSFVAGTHGKASGPVSFMHVFNSAISVVKQGSRRRGALMGILNINHPDIEEFIDAKKENTGEAVLNF
FNLSVGFPMDKKEILKLYEEDGELELSHPRSTIRKKVKIRELFRKIATNAWKSGDPGLAFLGEMNKYYPLYPHRKINSTN
PCGEIGLSDYEACNLGSIDVAKFYNNGFVDLEALQELVQIAVRFLDNVIDVNVFPIDKITKAVKESRRLGLGIMGFADLL
YKLEIPYNSQEARDFAANLMAFIALHAHRTSYELGKEKGNFPLLEISRYRTEDNFVPFAMGMSNYDDEIREVMKMTKEFR
RNVALLTIAPTGSISNIADTSSGLEPNFLLAYTRFVTKEDGTKEPLLYVNQVLREKLNPEILKRIEKELIEKGSLKDIPD
VPEKIKKVFVVALDIDPMDHLLMQDAFQRYVDNNISKTINMPQSATVDDVLNVYLEALRTNVRGITVYRDGSLQTQVLTK
ALKT
;
_entity_poly.pdbx_strand_id   A,B
#
# COMPACT_ATOMS: atom_id res chain seq x y z
N MET A 1 -10.16 2.36 53.43
CA MET A 1 -11.13 1.27 53.50
C MET A 1 -10.60 0.14 52.62
N LYS A 2 -11.15 -1.05 52.79
CA LYS A 2 -10.80 -2.17 51.94
C LYS A 2 -11.37 -1.92 50.56
N LEU A 3 -10.65 -2.39 49.53
CA LEU A 3 -11.07 -2.23 48.15
C LEU A 3 -12.49 -2.81 47.93
N SER A 4 -12.75 -3.94 48.60
CA SER A 4 -14.09 -4.57 48.56
C SER A 4 -15.22 -3.64 49.04
N ASP A 5 -14.95 -2.82 50.04
CA ASP A 5 -15.94 -1.80 50.47
C ASP A 5 -16.16 -0.67 49.45
N LEU A 6 -15.08 -0.24 48.81
CA LEU A 6 -15.22 0.75 47.72
C LEU A 6 -15.98 0.18 46.49
N ILE A 7 -15.68 -1.08 46.16
CA ILE A 7 -16.37 -1.81 45.13
C ILE A 7 -17.86 -1.84 45.39
N SER A 8 -18.27 -2.18 46.62
CA SER A 8 -19.68 -2.14 47.02
C SER A 8 -20.38 -0.81 46.75
N ARG A 9 -19.67 0.28 47.03
CA ARG A 9 -20.16 1.65 46.76
C ARG A 9 -20.44 1.98 45.29
N TRP A 10 -19.73 1.33 44.38
CA TRP A 10 -19.76 1.69 42.96
C TRP A 10 -20.40 0.65 42.05
N ILE A 11 -20.45 -0.60 42.48
CA ILE A 11 -20.76 -1.70 41.59
C ILE A 11 -22.17 -1.67 41.04
N ASP A 12 -23.10 -1.14 41.84
CA ASP A 12 -24.48 -1.04 41.41
C ASP A 12 -24.82 0.32 40.86
N VAL A 13 -23.81 1.18 40.69
CA VAL A 13 -24.03 2.44 40.01
C VAL A 13 -23.82 2.26 38.52
N GLU A 14 -24.86 2.51 37.72
CA GLU A 14 -24.79 2.30 36.28
C GLU A 14 -24.18 3.50 35.59
N PRO A 15 -23.62 3.30 34.37
CA PRO A 15 -23.11 4.48 33.66
C PRO A 15 -24.20 5.49 33.32
N SER A 16 -23.81 6.78 33.24
CA SER A 16 -24.71 7.81 32.76
C SER A 16 -25.29 7.43 31.40
N LYS A 17 -26.40 8.09 31.06
CA LYS A 17 -27.02 7.89 29.79
C LYS A 17 -26.06 8.26 28.67
N ASN A 18 -25.23 9.28 28.90
CA ASN A 18 -24.14 9.65 27.97
C ASN A 18 -23.19 8.48 27.69
N ALA A 19 -22.64 7.90 28.74
CA ALA A 19 -21.78 6.72 28.57
C ALA A 19 -22.51 5.56 27.86
N GLN A 20 -23.79 5.36 28.17
CA GLN A 20 -24.59 4.28 27.56
C GLN A 20 -24.74 4.46 26.05
N ILE A 21 -24.69 5.69 25.57
CA ILE A 21 -24.78 5.94 24.14
C ILE A 21 -23.52 5.41 23.46
N ILE A 22 -22.39 5.73 24.06
CA ILE A 22 -21.10 5.33 23.53
C ILE A 22 -21.00 3.80 23.52
N LEU A 23 -21.45 3.18 24.59
CA LEU A 23 -21.37 1.72 24.70
C LEU A 23 -22.19 1.03 23.64
N ARG A 24 -23.45 1.42 23.53
CA ARG A 24 -24.32 0.83 22.51
C ARG A 24 -23.77 1.03 21.12
N ASP A 25 -23.20 2.20 20.89
CA ASP A 25 -22.63 2.60 19.60
C ASP A 25 -21.50 1.71 19.15
N ARG A 26 -20.52 1.49 20.03
CA ARG A 26 -19.40 0.70 19.61
C ARG A 26 -18.78 -0.28 20.56
N TYR A 27 -19.31 -0.48 21.77
CA TYR A 27 -18.69 -1.45 22.73
C TYR A 27 -19.48 -2.75 22.91
N PHE A 28 -20.78 -2.70 22.74
CA PHE A 28 -21.58 -3.89 22.93
C PHE A 28 -21.43 -4.77 21.73
N MET A 29 -21.00 -6.01 21.97
CA MET A 29 -20.82 -6.99 20.94
C MET A 29 -22.11 -7.29 20.24
N LYS A 30 -22.02 -7.52 18.93
CA LYS A 30 -23.13 -7.97 18.13
C LYS A 30 -22.78 -9.24 17.36
N ASP A 31 -23.81 -10.00 16.98
CA ASP A 31 -23.58 -11.21 16.18
C ASP A 31 -23.50 -10.80 14.71
N LEU A 32 -23.11 -11.74 13.86
CA LEU A 32 -22.98 -11.50 12.41
C LEU A 32 -24.24 -10.90 11.80
N ASP A 33 -25.40 -11.13 12.41
CA ASP A 33 -26.63 -10.52 11.94
C ASP A 33 -26.88 -9.14 12.51
N GLY A 34 -26.03 -8.66 13.42
CA GLY A 34 -26.18 -7.32 13.97
C GLY A 34 -26.88 -7.28 15.32
N ASN A 35 -27.64 -8.33 15.64
CA ASN A 35 -28.33 -8.40 16.92
C ASN A 35 -27.31 -8.16 18.02
N TYR A 36 -27.67 -7.37 19.01
CA TYR A 36 -26.83 -7.18 20.21
C TYR A 36 -26.72 -8.47 21.03
N LEU A 37 -25.48 -8.84 21.34
CA LEU A 37 -25.20 -9.95 22.24
C LEU A 37 -25.00 -9.41 23.63
N GLU A 38 -24.78 -8.10 23.75
CA GLU A 38 -24.63 -7.41 25.03
C GLU A 38 -25.50 -6.16 25.03
N THR A 39 -26.17 -5.87 26.14
CA THR A 39 -26.94 -4.63 26.23
C THR A 39 -26.71 -3.78 27.51
N LYS A 40 -25.81 -4.24 28.36
CA LYS A 40 -25.45 -3.55 29.59
C LYS A 40 -23.95 -3.58 29.76
N TRP A 41 -23.42 -2.56 30.41
CA TRP A 41 -21.99 -2.53 30.74
C TRP A 41 -21.56 -3.80 31.44
N GLU A 42 -22.42 -4.27 32.35
CA GLU A 42 -22.24 -5.55 33.01
C GLU A 42 -21.84 -6.68 32.06
N ASP A 43 -22.44 -6.71 30.90
CA ASP A 43 -22.22 -7.79 29.96
C ASP A 43 -20.79 -7.73 29.40
N VAL A 44 -20.33 -6.51 29.09
CA VAL A 44 -18.95 -6.26 28.66
C VAL A 44 -17.99 -6.63 29.78
N ALA A 45 -18.25 -6.21 31.01
CA ALA A 45 -17.31 -6.53 32.11
C ALA A 45 -17.15 -8.07 32.30
N ARG A 46 -18.26 -8.79 32.12
CA ARG A 46 -18.27 -10.29 32.26
C ARG A 46 -17.38 -10.95 31.22
N ARG A 47 -17.62 -10.59 29.96
CA ARG A 47 -16.84 -11.12 28.84
C ARG A 47 -15.35 -10.85 28.99
N VAL A 48 -15.00 -9.63 29.33
CA VAL A 48 -13.60 -9.24 29.38
C VAL A 48 -12.91 -9.84 30.56
N ALA A 49 -13.58 -9.80 31.69
CA ALA A 49 -13.06 -10.40 32.90
C ALA A 49 -12.75 -11.93 32.64
N ARG A 50 -13.68 -12.60 32.01
CA ARG A 50 -13.54 -14.07 31.77
C ARG A 50 -12.42 -14.37 30.82
N VAL A 51 -12.30 -13.59 29.74
CA VAL A 51 -11.20 -13.77 28.75
C VAL A 51 -9.87 -13.55 29.33
N VAL A 52 -9.69 -12.51 30.13
CA VAL A 52 -8.40 -12.18 30.69
C VAL A 52 -8.05 -13.10 31.87
N ALA A 53 -9.04 -13.52 32.65
CA ALA A 53 -8.83 -14.59 33.71
C ALA A 53 -8.34 -15.94 33.12
N THR A 54 -8.70 -16.22 31.87
CA THR A 54 -8.28 -17.42 31.12
C THR A 54 -6.76 -17.57 31.03
N ALA A 55 -6.02 -16.47 31.09
CA ALA A 55 -4.55 -16.53 31.11
C ALA A 55 -3.96 -17.24 32.33
N GLU A 56 -4.76 -17.39 33.38
CA GLU A 56 -4.25 -18.10 34.58
C GLU A 56 -4.10 -19.63 34.32
N LEU A 57 -4.68 -20.13 33.23
CA LEU A 57 -4.39 -21.49 32.71
C LEU A 57 -2.90 -21.72 32.56
N LEU A 58 -2.17 -20.66 32.20
CA LEU A 58 -0.74 -20.78 31.93
C LEU A 58 0.13 -20.57 33.15
N ASN A 59 -0.46 -20.29 34.31
CA ASN A 59 0.33 -19.93 35.51
C ASN A 59 1.01 -21.18 36.03
N PRO A 60 2.35 -21.23 36.05
CA PRO A 60 2.98 -22.51 36.42
C PRO A 60 2.97 -22.79 37.93
N SER A 61 2.55 -21.82 38.73
CA SER A 61 2.51 -21.99 40.17
C SER A 61 1.24 -22.72 40.67
N TYR A 62 0.28 -22.98 39.79
CA TYR A 62 -0.96 -23.61 40.21
C TYR A 62 -0.95 -25.14 39.97
N LYS A 63 -1.42 -25.89 40.98
CA LYS A 63 -1.73 -27.33 40.82
C LYS A 63 -3.10 -27.47 40.14
N LYS A 64 -3.25 -28.42 39.22
CA LYS A 64 -4.50 -28.50 38.47
C LYS A 64 -5.70 -28.70 39.40
N ASN A 65 -5.49 -29.30 40.57
CA ASN A 65 -6.57 -29.41 41.59
C ASN A 65 -7.25 -28.08 42.01
N GLU A 66 -6.49 -26.98 41.97
CA GLU A 66 -6.96 -25.63 42.35
C GLU A 66 -7.26 -24.73 41.14
N LYS A 67 -6.77 -25.14 39.96
CA LYS A 67 -6.79 -24.27 38.78
C LYS A 67 -8.16 -23.67 38.47
N LEU A 68 -9.21 -24.47 38.38
CA LEU A 68 -10.57 -23.91 38.20
C LEU A 68 -10.90 -22.85 39.23
N ASP A 69 -10.59 -23.15 40.51
CA ASP A 69 -10.93 -22.26 41.63
C ASP A 69 -10.17 -20.92 41.51
N ARG A 70 -8.86 -21.01 41.31
CA ARG A 70 -8.02 -19.83 41.11
C ARG A 70 -8.52 -18.97 39.93
N ILE A 71 -8.81 -19.60 38.79
CA ILE A 71 -9.29 -18.88 37.62
C ILE A 71 -10.58 -18.15 37.93
N LYS A 72 -11.52 -18.85 38.56
CA LYS A 72 -12.83 -18.29 38.85
C LYS A 72 -12.74 -17.06 39.77
N GLU A 73 -11.76 -17.09 40.66
CA GLU A 73 -11.50 -16.05 41.62
C GLU A 73 -11.01 -14.75 40.97
N TRP A 74 -10.04 -14.88 40.08
CA TRP A 74 -9.57 -13.73 39.26
C TRP A 74 -10.64 -13.23 38.30
N GLU A 75 -11.36 -14.13 37.63
CA GLU A 75 -12.52 -13.68 36.86
C GLU A 75 -13.46 -12.83 37.71
N ASP A 76 -13.72 -13.27 38.95
CA ASP A 76 -14.62 -12.55 39.83
C ASP A 76 -14.13 -11.12 40.22
N ILE A 77 -12.87 -11.01 40.62
CA ILE A 77 -12.31 -9.73 41.03
C ILE A 77 -12.18 -8.82 39.82
N PHE A 78 -11.68 -9.37 38.71
CA PHE A 78 -11.67 -8.61 37.44
C PHE A 78 -13.05 -8.04 37.13
N PHE A 79 -14.06 -8.89 37.17
CA PHE A 79 -15.42 -8.45 36.87
C PHE A 79 -15.89 -7.32 37.78
N ARG A 80 -15.66 -7.45 39.10
CA ARG A 80 -16.14 -6.47 40.08
C ARG A 80 -15.47 -5.08 39.87
N VAL A 81 -14.15 -5.05 39.69
CA VAL A 81 -13.47 -3.75 39.46
C VAL A 81 -13.90 -3.09 38.12
N LEU A 82 -14.15 -3.90 37.09
CA LEU A 82 -14.54 -3.38 35.79
C LEU A 82 -15.95 -2.91 35.85
N LYS A 83 -16.84 -3.72 36.45
CA LYS A 83 -18.25 -3.34 36.57
C LYS A 83 -18.40 -2.04 37.34
N ALA A 84 -17.63 -1.92 38.42
CA ALA A 84 -17.63 -0.73 39.25
C ALA A 84 -17.04 0.52 38.52
N ARG A 85 -16.31 0.24 37.40
CA ARG A 85 -15.57 1.26 36.59
C ARG A 85 -14.46 1.96 37.43
N LEU A 86 -13.82 1.14 38.27
CA LEU A 86 -12.70 1.60 39.09
C LEU A 86 -11.43 1.53 38.27
N PHE A 87 -11.38 0.53 37.37
CA PHE A 87 -10.26 0.31 36.43
C PHE A 87 -10.87 -0.12 35.13
N ILE A 88 -10.39 0.43 34.01
CA ILE A 88 -10.88 0.03 32.72
C ILE A 88 -9.71 -0.06 31.75
N PRO A 89 -9.57 -1.20 31.02
CA PRO A 89 -8.50 -1.37 30.02
C PRO A 89 -8.77 -0.53 28.77
N ASN A 90 -7.71 -0.30 27.99
CA ASN A 90 -7.83 0.37 26.69
C ASN A 90 -8.89 -0.22 25.78
N SER A 91 -9.48 0.64 24.94
CA SER A 91 -10.65 0.23 24.16
C SER A 91 -10.52 -1.11 23.43
N PRO A 92 -9.38 -1.39 22.79
CA PRO A 92 -9.32 -2.65 22.02
C PRO A 92 -9.50 -3.94 22.82
N THR A 93 -9.09 -3.92 24.09
CA THR A 93 -9.41 -5.01 25.05
C THR A 93 -10.94 -5.20 25.18
N LEU A 94 -11.67 -4.09 25.26
CA LEU A 94 -13.12 -4.14 25.37
C LEU A 94 -13.80 -4.49 24.06
N PHE A 95 -13.32 -3.99 22.93
CA PHE A 95 -13.91 -4.30 21.64
C PHE A 95 -13.71 -5.77 21.25
N ASN A 96 -12.52 -6.28 21.49
CA ASN A 96 -12.08 -7.54 20.81
C ASN A 96 -11.96 -8.77 21.72
N ALA A 97 -12.08 -8.61 23.05
CA ALA A 97 -11.89 -9.74 23.94
C ALA A 97 -13.01 -10.72 23.59
N GLY A 98 -12.67 -12.00 23.44
CA GLY A 98 -13.65 -13.01 23.08
C GLY A 98 -13.98 -13.27 21.60
N LEU A 99 -13.35 -12.55 20.69
CA LEU A 99 -13.59 -12.80 19.27
C LEU A 99 -13.06 -14.19 18.92
N GLY A 100 -13.92 -14.99 18.29
CA GLY A 100 -13.58 -16.38 17.94
C GLY A 100 -14.21 -17.40 18.88
N VAL A 101 -14.64 -16.95 20.04
CA VAL A 101 -15.13 -17.84 21.07
C VAL A 101 -16.61 -18.04 20.90
N LYS A 102 -17.06 -19.29 21.09
CA LYS A 102 -18.48 -19.60 21.01
C LYS A 102 -19.26 -18.70 21.97
N HIS A 103 -20.42 -18.19 21.56
CA HIS A 103 -21.18 -17.25 22.38
C HIS A 103 -21.72 -17.84 23.65
N ASP A 104 -21.93 -19.16 23.62
CA ASP A 104 -22.39 -19.85 24.82
C ASP A 104 -21.40 -19.88 25.97
N LEU A 105 -20.16 -19.47 25.75
CA LEU A 105 -19.14 -19.45 26.82
C LEU A 105 -18.91 -18.07 27.44
N LEU A 106 -19.07 -17.00 26.69
CA LEU A 106 -18.56 -15.69 27.14
C LEU A 106 -19.34 -15.06 28.29
N TRP A 107 -20.65 -15.33 28.37
CA TRP A 107 -21.54 -14.71 29.36
C TRP A 107 -22.31 -15.64 30.33
N LYS A 108 -22.21 -16.95 30.17
CA LYS A 108 -23.01 -17.87 31.02
C LYS A 108 -22.56 -17.75 32.48
N PRO A 109 -23.46 -18.06 33.44
CA PRO A 109 -23.10 -17.88 34.85
C PRO A 109 -21.77 -18.52 35.14
N ILE A 110 -20.93 -17.84 35.91
CA ILE A 110 -19.59 -18.34 36.27
C ILE A 110 -19.59 -19.67 37.03
N ASP A 111 -20.68 -19.99 37.72
CA ASP A 111 -20.73 -21.24 38.45
C ASP A 111 -20.95 -22.43 37.51
N GLN A 112 -21.27 -22.14 36.25
CA GLN A 112 -21.40 -23.16 35.24
C GLN A 112 -20.10 -23.37 34.47
N MET A 113 -19.02 -22.68 34.87
CA MET A 113 -17.75 -22.79 34.15
C MET A 113 -16.94 -23.98 34.60
N THR A 114 -16.49 -24.76 33.62
CA THR A 114 -15.58 -25.89 33.83
C THR A 114 -14.20 -25.55 33.31
N LEU A 115 -13.19 -26.29 33.72
CA LEU A 115 -11.82 -26.09 33.18
C LEU A 115 -11.76 -26.39 31.69
N GLU A 116 -12.64 -27.29 31.23
CA GLU A 116 -12.77 -27.50 29.80
C GLU A 116 -13.27 -26.22 29.13
N ASP A 117 -14.17 -25.50 29.77
CA ASP A 117 -14.72 -24.26 29.24
C ASP A 117 -13.62 -23.20 29.01
N TYR A 118 -12.77 -22.99 30.02
CA TYR A 118 -11.68 -22.04 29.93
C TYR A 118 -10.67 -22.46 28.87
N GLU A 119 -10.39 -23.76 28.81
CA GLU A 119 -9.44 -24.27 27.81
C GLU A 119 -9.92 -24.00 26.40
N GLU A 120 -11.23 -24.11 26.19
CA GLU A 120 -11.85 -23.85 24.91
C GLU A 120 -11.82 -22.37 24.59
N ILE A 121 -12.11 -21.53 25.58
CA ILE A 121 -11.94 -20.08 25.37
C ILE A 121 -10.52 -19.80 24.88
N TYR A 122 -9.53 -20.28 25.61
CA TYR A 122 -8.15 -20.05 25.19
C TYR A 122 -7.90 -20.52 23.75
N ARG A 123 -8.41 -21.69 23.37
CA ARG A 123 -8.13 -22.25 22.04
C ARG A 123 -8.78 -21.54 20.88
N SER A 124 -9.93 -20.92 21.09
CA SER A 124 -10.72 -20.40 20.00
C SER A 124 -10.62 -18.88 19.77
N ARG A 125 -9.68 -18.23 20.44
CA ARG A 125 -9.36 -16.82 20.17
C ARG A 125 -8.87 -16.72 18.75
N ASN A 126 -9.47 -15.86 17.91
CA ASN A 126 -9.14 -15.84 16.47
C ASN A 126 -8.13 -14.73 16.10
N HIS A 127 -7.84 -14.56 14.81
CA HIS A 127 -6.75 -13.69 14.41
C HIS A 127 -7.04 -12.17 14.62
N LEU A 128 -8.28 -11.87 15.00
CA LEU A 128 -8.72 -10.49 15.24
C LEU A 128 -8.77 -10.17 16.74
N HIS A 129 -8.29 -11.11 17.55
CA HIS A 129 -8.36 -11.01 19.04
C HIS A 129 -7.23 -10.13 19.58
N MET A 130 -7.22 -8.87 19.11
CA MET A 130 -6.11 -7.96 19.39
C MET A 130 -6.52 -6.96 20.49
N LEU A 131 -5.77 -6.91 21.60
CA LEU A 131 -6.19 -6.27 22.83
C LEU A 131 -5.32 -5.05 23.23
N SER A 132 -4.38 -4.66 22.38
CA SER A 132 -3.40 -3.58 22.65
C SER A 132 -3.64 -2.38 21.75
N ALA A 133 -3.50 -1.20 22.32
CA ALA A 133 -3.76 0.08 21.63
C ALA A 133 -2.59 0.72 20.89
N CYS A 134 -1.34 0.32 21.21
CA CYS A 134 -0.12 1.07 20.85
C CYS A 134 0.90 0.21 20.14
N PHE A 135 1.33 0.64 18.94
CA PHE A 135 2.29 -0.13 18.11
C PHE A 135 3.36 0.78 17.54
N VAL A 136 4.55 0.24 17.29
CA VAL A 136 5.55 0.89 16.44
C VAL A 136 6.10 -0.15 15.43
N VAL A 137 6.28 0.28 14.17
CA VAL A 137 6.99 -0.56 13.19
C VAL A 137 8.04 0.29 12.55
N PRO A 138 9.16 -0.35 12.12
CA PRO A 138 10.18 0.29 11.31
C PRO A 138 9.76 0.45 9.86
N VAL A 139 10.36 1.45 9.19
CA VAL A 139 10.21 1.66 7.76
C VAL A 139 11.59 1.82 7.13
N GLY A 140 12.12 0.72 6.66
CA GLY A 140 13.48 0.71 6.11
C GLY A 140 13.60 1.31 4.74
N ASP A 141 14.82 1.65 4.37
CA ASP A 141 15.09 2.42 3.18
C ASP A 141 15.13 1.58 1.88
N SER A 142 14.03 0.90 1.58
CA SER A 142 13.91 0.12 0.34
C SER A 142 12.43 0.03 -0.06
N ILE A 143 12.14 -0.16 -1.34
CA ILE A 143 10.76 -0.26 -1.82
C ILE A 143 10.08 -1.46 -1.13
N GLU A 144 10.81 -2.56 -1.01
CA GLU A 144 10.28 -3.76 -0.39
C GLU A 144 9.87 -3.50 1.08
N GLU A 145 10.75 -2.86 1.83
CA GLU A 145 10.50 -2.57 3.25
C GLU A 145 9.38 -1.53 3.48
N ILE A 146 9.38 -0.47 2.68
CA ILE A 146 8.35 0.55 2.70
C ILE A 146 6.97 -0.11 2.53
N PHE A 147 6.80 -0.92 1.46
CA PHE A 147 5.47 -1.48 1.15
C PHE A 147 5.08 -2.65 2.07
N GLU A 148 6.09 -3.32 2.63
CA GLU A 148 5.80 -4.28 3.73
C GLU A 148 5.25 -3.52 4.95
N ALA A 149 5.82 -2.35 5.25
CA ALA A 149 5.32 -1.48 6.34
C ALA A 149 3.94 -0.93 6.06
N VAL A 150 3.67 -0.51 4.82
CA VAL A 150 2.34 -0.06 4.44
C VAL A 150 1.30 -1.16 4.76
N LYS A 151 1.60 -2.39 4.37
CA LYS A 151 0.78 -3.53 4.69
C LYS A 151 0.61 -3.73 6.20
N GLU A 152 1.69 -3.67 6.95
CA GLU A 152 1.60 -3.76 8.39
C GLU A 152 0.68 -2.70 8.99
N TYR A 153 0.73 -1.47 8.48
CA TYR A 153 -0.13 -0.42 8.98
C TYR A 153 -1.59 -0.79 8.72
N ALA A 154 -1.89 -1.42 7.58
CA ALA A 154 -3.29 -1.75 7.23
C ALA A 154 -3.81 -2.86 8.12
N LEU A 155 -2.98 -3.87 8.33
CA LEU A 155 -3.32 -4.97 9.22
C LEU A 155 -3.55 -4.57 10.67
N ILE A 156 -2.72 -3.66 11.20
CA ILE A 156 -2.85 -3.14 12.57
C ILE A 156 -4.06 -2.26 12.71
N THR A 157 -4.26 -1.37 11.73
CA THR A 157 -5.46 -0.56 11.72
C THR A 157 -6.77 -1.32 11.65
N LYS A 158 -6.78 -2.44 10.91
CA LYS A 158 -7.97 -3.27 10.79
C LYS A 158 -8.48 -3.76 12.16
N VAL A 159 -7.52 -4.24 12.96
CA VAL A 159 -7.80 -4.75 14.32
C VAL A 159 -7.90 -3.66 15.42
N GLY A 160 -7.74 -2.40 15.06
CA GLY A 160 -8.00 -1.28 15.90
C GLY A 160 -6.81 -0.75 16.69
N GLY A 161 -5.58 -1.10 16.30
CA GLY A 161 -4.43 -0.50 16.91
C GLY A 161 -3.99 0.84 16.33
N GLY A 162 -3.32 1.62 17.15
CA GLY A 162 -2.65 2.85 16.69
C GLY A 162 -1.14 2.64 16.51
N VAL A 163 -0.58 3.09 15.39
CA VAL A 163 0.78 2.76 15.02
C VAL A 163 1.59 3.99 14.68
N GLY A 164 2.85 3.95 15.06
CA GLY A 164 3.80 4.95 14.70
C GLY A 164 5.06 4.42 14.06
N SER A 165 5.76 5.28 13.34
CA SER A 165 7.12 5.02 12.87
C SER A 165 7.96 6.27 12.82
N ASN A 166 9.27 6.04 12.91
CA ASN A 166 10.26 7.01 12.59
C ASN A 166 10.61 6.81 11.11
N PHE A 167 10.44 7.82 10.28
CA PHE A 167 10.67 7.65 8.85
C PHE A 167 12.06 8.09 8.42
N SER A 168 12.93 8.34 9.37
CA SER A 168 14.24 8.92 9.09
C SER A 168 15.22 8.03 8.32
N GLU A 169 14.97 6.73 8.27
CA GLU A 169 15.84 5.87 7.47
C GLU A 169 15.67 6.15 6.02
N LEU A 170 14.50 6.68 5.61
CA LEU A 170 14.28 6.97 4.21
C LEU A 170 15.14 8.09 3.72
N ARG A 171 15.90 7.86 2.62
CA ARG A 171 16.86 8.83 2.12
C ARG A 171 16.15 10.05 1.60
N PRO A 172 16.78 11.21 1.75
CA PRO A 172 16.08 12.45 1.38
C PRO A 172 15.77 12.60 -0.11
N LYS A 173 14.79 13.46 -0.38
CA LYS A 173 14.29 13.71 -1.72
C LYS A 173 15.47 14.03 -2.57
N GLY A 174 15.49 13.51 -3.81
CA GLY A 174 16.62 13.72 -4.72
C GLY A 174 17.87 12.87 -4.55
N SER A 175 17.95 12.01 -3.53
CA SER A 175 19.09 11.13 -3.34
C SER A 175 19.17 10.06 -4.42
N PHE A 176 20.38 9.60 -4.72
CA PHE A 176 20.56 8.60 -5.75
C PHE A 176 19.93 7.26 -5.37
N VAL A 177 19.25 6.66 -6.36
CA VAL A 177 18.78 5.27 -6.27
C VAL A 177 19.56 4.39 -7.25
N ALA A 178 20.49 3.56 -6.74
CA ALA A 178 21.38 2.82 -7.64
C ALA A 178 20.67 1.79 -8.51
N GLY A 179 19.66 1.12 -7.97
CA GLY A 179 18.98 0.06 -8.72
C GLY A 179 18.24 0.53 -9.97
N THR A 180 17.95 1.82 -10.04
CA THR A 180 17.26 2.39 -11.18
C THR A 180 17.96 3.57 -11.79
N HIS A 181 19.10 3.96 -11.24
CA HIS A 181 19.73 5.26 -11.56
C HIS A 181 18.80 6.44 -11.42
N GLY A 182 17.89 6.42 -10.43
CA GLY A 182 16.88 7.45 -10.32
C GLY A 182 17.16 8.35 -9.12
N LYS A 183 16.16 9.12 -8.73
CA LYS A 183 16.22 10.05 -7.60
C LYS A 183 15.10 9.69 -6.61
N ALA A 184 15.43 9.65 -5.33
CA ALA A 184 14.49 9.22 -4.29
C ALA A 184 13.39 10.21 -4.10
N SER A 185 12.20 9.70 -3.79
CA SER A 185 11.05 10.55 -3.50
C SER A 185 11.14 11.25 -2.14
N GLY A 186 11.82 10.63 -1.16
CA GLY A 186 11.97 11.20 0.18
C GLY A 186 10.85 10.77 1.13
N PRO A 187 11.07 10.83 2.46
CA PRO A 187 10.07 10.32 3.43
C PRO A 187 8.63 10.92 3.34
N VAL A 188 8.54 12.23 3.16
CA VAL A 188 7.27 12.91 3.19
C VAL A 188 6.39 12.36 2.05
N SER A 189 6.97 12.11 0.87
CA SER A 189 6.23 11.59 -0.26
C SER A 189 5.73 10.21 0.05
N PHE A 190 6.57 9.41 0.69
CA PHE A 190 6.12 8.08 1.13
C PHE A 190 5.04 8.13 2.21
N MET A 191 5.13 9.05 3.15
CA MET A 191 4.13 9.16 4.20
C MET A 191 2.73 9.43 3.59
N HIS A 192 2.69 10.17 2.48
CA HIS A 192 1.44 10.32 1.72
C HIS A 192 0.82 8.99 1.26
N VAL A 193 1.65 8.02 0.91
CA VAL A 193 1.16 6.73 0.53
C VAL A 193 0.58 5.97 1.72
N PHE A 194 1.27 5.99 2.88
CA PHE A 194 0.72 5.43 4.10
C PHE A 194 -0.63 6.03 4.45
N ASN A 195 -0.77 7.34 4.28
CA ASN A 195 -2.03 7.99 4.57
C ASN A 195 -3.17 7.56 3.67
N SER A 196 -2.89 7.50 2.36
CA SER A 196 -3.75 6.89 1.40
C SER A 196 -4.26 5.49 1.67
N ALA A 197 -3.36 4.58 2.08
CA ALA A 197 -3.71 3.25 2.54
C ALA A 197 -4.74 3.26 3.66
N ILE A 198 -4.48 4.12 4.65
CA ILE A 198 -5.26 4.11 5.87
C ILE A 198 -6.58 4.87 5.65
N SER A 199 -6.64 5.73 4.66
CA SER A 199 -7.95 6.29 4.23
C SER A 199 -9.01 5.23 3.88
N VAL A 200 -8.62 3.99 3.53
CA VAL A 200 -9.54 2.88 3.17
C VAL A 200 -9.56 1.69 4.14
N VAL A 201 -8.96 1.84 5.32
CA VAL A 201 -8.93 0.77 6.31
C VAL A 201 -9.37 1.36 7.67
N LYS A 202 -10.20 0.60 8.38
CA LYS A 202 -10.62 1.01 9.69
C LYS A 202 -11.20 -0.20 10.43
N GLN A 203 -11.36 -0.06 11.75
CA GLN A 203 -12.00 -1.11 12.49
C GLN A 203 -13.50 -0.82 12.45
N GLY A 204 -14.11 -1.05 11.28
CA GLY A 204 -15.54 -0.80 11.03
C GLY A 204 -15.99 0.60 11.44
N SER A 205 -17.17 0.69 12.05
CA SER A 205 -17.60 1.97 12.63
C SER A 205 -16.93 2.32 13.99
N ARG A 206 -16.35 1.31 14.66
CA ARG A 206 -15.75 1.51 16.01
C ARG A 206 -14.66 2.55 16.06
N ARG A 207 -13.78 2.57 15.03
CA ARG A 207 -12.45 3.16 15.22
C ARG A 207 -11.65 3.44 13.89
N ARG A 208 -11.41 4.72 13.54
CA ARG A 208 -10.62 5.07 12.35
C ARG A 208 -9.11 4.86 12.63
N GLY A 209 -8.28 4.93 11.59
CA GLY A 209 -6.83 4.91 11.78
C GLY A 209 -6.23 6.04 12.63
N ALA A 210 -5.16 5.73 13.34
CA ALA A 210 -4.49 6.75 14.15
C ALA A 210 -3.01 6.49 14.00
N LEU A 211 -2.28 7.45 13.42
CA LEU A 211 -0.86 7.25 13.04
C LEU A 211 0.07 8.28 13.65
N MET A 212 1.32 7.86 13.89
CA MET A 212 2.39 8.80 14.27
C MET A 212 3.50 8.74 13.27
N GLY A 213 3.92 9.90 12.77
CA GLY A 213 5.12 9.98 11.97
C GLY A 213 6.13 10.91 12.56
N ILE A 214 7.34 10.40 12.72
CA ILE A 214 8.44 11.13 13.31
C ILE A 214 9.55 11.24 12.27
N LEU A 215 10.13 12.43 12.14
CA LEU A 215 11.38 12.64 11.39
C LEU A 215 12.36 13.34 12.32
N ASN A 216 13.62 12.95 12.26
CA ASN A 216 14.56 13.45 13.22
C ASN A 216 15.06 14.84 12.76
N ILE A 217 15.33 15.68 13.76
CA ILE A 217 15.75 17.07 13.55
C ILE A 217 16.96 17.26 12.60
N ASN A 218 17.84 16.28 12.46
CA ASN A 218 18.99 16.42 11.53
C ASN A 218 18.80 15.78 10.15
N HIS A 219 17.58 15.30 9.88
CA HIS A 219 17.24 14.76 8.55
C HIS A 219 17.25 15.89 7.52
N PRO A 220 17.89 15.67 6.35
CA PRO A 220 17.86 16.79 5.43
C PRO A 220 16.50 17.28 4.92
N ASP A 221 15.44 16.49 5.02
CA ASP A 221 14.10 16.95 4.65
C ASP A 221 13.28 17.55 5.82
N ILE A 222 13.92 17.86 6.94
CA ILE A 222 13.19 18.28 8.14
C ILE A 222 12.30 19.49 7.94
N GLU A 223 12.79 20.46 7.20
CA GLU A 223 11.99 21.67 6.93
C GLU A 223 10.70 21.39 6.18
N GLU A 224 10.78 20.57 5.12
CA GLU A 224 9.61 20.07 4.40
C GLU A 224 8.62 19.38 5.35
N PHE A 225 9.18 18.51 6.20
CA PHE A 225 8.43 17.73 7.21
C PHE A 225 7.68 18.67 8.19
N ILE A 226 8.39 19.66 8.73
CA ILE A 226 7.85 20.64 9.67
C ILE A 226 6.64 21.34 9.07
N ASP A 227 6.74 21.70 7.80
CA ASP A 227 5.62 22.34 7.09
C ASP A 227 4.65 21.36 6.43
N ALA A 228 4.81 20.06 6.61
CA ALA A 228 4.05 19.05 5.81
C ALA A 228 2.56 19.12 5.99
N LYS A 229 2.11 19.59 7.16
CA LYS A 229 0.71 19.69 7.54
C LYS A 229 0.37 21.17 7.73
N LYS A 230 0.41 21.92 6.65
CA LYS A 230 0.03 23.33 6.75
C LYS A 230 -0.88 23.77 5.62
N VAL A 237 -4.73 14.96 3.32
CA VAL A 237 -3.30 15.02 2.93
C VAL A 237 -2.40 14.02 3.73
N LEU A 238 -2.28 14.36 5.01
CA LEU A 238 -1.71 13.56 6.05
C LEU A 238 -2.67 13.62 7.22
N ASN A 239 -3.95 13.54 6.93
CA ASN A 239 -4.99 13.68 7.96
C ASN A 239 -5.04 12.57 8.99
N PHE A 240 -4.46 11.40 8.69
CA PHE A 240 -4.43 10.35 9.69
C PHE A 240 -3.16 10.36 10.53
N PHE A 241 -2.21 11.26 10.23
CA PHE A 241 -0.96 11.36 10.99
C PHE A 241 -0.96 12.47 12.01
N ASN A 242 -0.48 12.18 13.21
CA ASN A 242 0.14 13.22 14.04
C ASN A 242 1.60 13.22 13.63
N LEU A 243 2.24 14.36 13.68
CA LEU A 243 3.64 14.48 13.33
C LEU A 243 4.43 15.04 14.48
N SER A 244 5.59 14.44 14.76
CA SER A 244 6.51 14.96 15.77
C SER A 244 7.95 14.97 15.24
N VAL A 245 8.69 15.96 15.67
CA VAL A 245 10.11 16.05 15.36
C VAL A 245 10.89 15.26 16.40
N GLY A 246 11.76 14.36 15.94
CA GLY A 246 12.54 13.47 16.84
C GLY A 246 13.86 14.07 17.23
N PHE A 247 14.22 13.94 18.49
CA PHE A 247 15.50 14.39 19.02
C PHE A 247 16.18 13.17 19.61
N PRO A 248 16.95 12.44 18.82
CA PRO A 248 17.62 11.24 19.36
C PRO A 248 18.81 11.52 20.28
N MET A 249 19.32 12.72 20.24
CA MET A 249 20.41 13.18 21.11
C MET A 249 19.90 13.64 22.44
N ASP A 250 20.82 13.96 23.35
CA ASP A 250 20.48 14.42 24.69
C ASP A 250 19.76 15.76 24.65
N LYS A 251 18.68 15.88 25.40
CA LYS A 251 17.98 17.18 25.52
C LYS A 251 18.95 18.31 25.92
N LYS A 252 19.89 18.01 26.82
CA LYS A 252 20.86 19.03 27.26
C LYS A 252 21.72 19.56 26.14
N GLU A 253 22.05 18.68 25.21
CA GLU A 253 22.92 19.00 24.06
C GLU A 253 22.20 19.95 23.13
N ILE A 254 20.93 19.66 22.92
CA ILE A 254 20.07 20.55 22.16
C ILE A 254 19.87 21.93 22.81
N LEU A 255 19.54 21.99 24.10
CA LEU A 255 19.41 23.28 24.78
C LEU A 255 20.72 24.10 24.71
N LYS A 256 21.84 23.44 24.91
CA LYS A 256 23.14 24.14 24.80
C LYS A 256 23.43 24.72 23.41
N LEU A 257 23.15 23.96 22.36
CA LEU A 257 23.26 24.46 21.00
C LEU A 257 22.34 25.68 20.80
N TYR A 258 21.10 25.56 21.29
CA TYR A 258 20.19 26.72 21.23
C TYR A 258 20.76 27.96 21.95
N GLU A 259 21.13 27.81 23.22
CA GLU A 259 21.62 28.94 24.02
C GLU A 259 22.84 29.64 23.35
N GLU A 260 23.67 28.88 22.65
CA GLU A 260 24.83 29.43 21.91
C GLU A 260 24.53 29.94 20.49
N ASP A 261 23.27 29.87 20.08
CA ASP A 261 22.88 30.17 18.72
C ASP A 261 23.70 29.34 17.73
N GLY A 262 23.88 28.05 18.01
CA GLY A 262 24.69 27.20 17.12
C GLY A 262 23.95 26.67 15.86
N GLU A 263 24.69 25.90 15.07
CA GLU A 263 24.19 25.27 13.84
C GLU A 263 24.10 23.76 13.98
N LEU A 264 23.16 23.18 13.22
CA LEU A 264 22.98 21.72 13.13
C LEU A 264 23.35 21.32 11.71
N GLU A 265 24.12 20.27 11.53
CA GLU A 265 24.38 19.77 10.19
C GLU A 265 23.30 18.72 9.88
N LEU A 266 22.59 18.93 8.78
CA LEU A 266 21.61 17.93 8.33
C LEU A 266 22.30 17.00 7.36
N SER A 267 22.14 15.71 7.56
CA SER A 267 22.82 14.73 6.72
C SER A 267 22.13 13.41 6.81
N HIS A 268 22.46 12.53 5.88
CA HIS A 268 21.91 11.18 5.88
C HIS A 268 22.93 10.19 5.38
N PRO A 269 22.96 8.97 5.95
CA PRO A 269 23.95 7.99 5.56
C PRO A 269 23.90 7.49 4.13
N ARG A 270 22.81 7.75 3.40
CA ARG A 270 22.57 7.24 2.05
C ARG A 270 22.33 8.38 1.11
N SER A 271 22.99 9.51 1.38
CA SER A 271 22.92 10.74 0.57
C SER A 271 24.21 11.56 0.67
N THR A 272 24.56 12.29 -0.40
CA THR A 272 25.82 13.03 -0.44
C THR A 272 25.69 14.51 -0.06
N ILE A 273 24.46 14.99 0.02
CA ILE A 273 24.22 16.38 0.28
C ILE A 273 24.11 16.59 1.80
N ARG A 274 24.73 17.67 2.24
CA ARG A 274 24.65 18.09 3.62
C ARG A 274 24.44 19.59 3.60
N LYS A 275 23.82 20.05 4.68
CA LYS A 275 23.41 21.43 4.85
C LYS A 275 23.56 21.78 6.30
N LYS A 276 23.90 23.03 6.57
CA LYS A 276 23.95 23.58 7.93
C LYS A 276 22.79 24.52 8.14
N VAL A 277 22.09 24.38 9.27
CA VAL A 277 21.00 25.29 9.61
C VAL A 277 21.18 25.74 11.06
N LYS A 278 20.76 26.96 11.37
CA LYS A 278 20.74 27.47 12.72
C LYS A 278 19.64 26.75 13.47
N ILE A 279 19.96 26.13 14.59
CA ILE A 279 18.96 25.46 15.41
C ILE A 279 17.84 26.42 15.87
N ARG A 280 18.13 27.71 16.09
CA ARG A 280 17.10 28.64 16.51
C ARG A 280 16.05 28.86 15.42
N GLU A 281 16.53 28.89 14.17
CA GLU A 281 15.71 29.01 13.00
C GLU A 281 14.81 27.79 12.83
N LEU A 282 15.36 26.60 13.01
CA LEU A 282 14.60 25.39 12.92
C LEU A 282 13.51 25.35 14.01
N PHE A 283 13.89 25.75 15.24
CA PHE A 283 12.93 25.83 16.33
C PHE A 283 11.80 26.83 16.06
N ARG A 284 12.12 27.95 15.46
CA ARG A 284 11.07 28.97 15.22
C ARG A 284 10.09 28.47 14.14
N LYS A 285 10.61 27.66 13.21
CA LYS A 285 9.82 27.05 12.15
C LYS A 285 8.80 26.06 12.77
N ILE A 286 9.29 25.21 13.66
CA ILE A 286 8.45 24.29 14.39
C ILE A 286 7.43 25.08 15.20
N ALA A 287 7.88 26.07 15.98
CA ALA A 287 6.95 26.83 16.83
C ALA A 287 5.90 27.59 16.03
N THR A 288 6.30 28.25 14.94
CA THR A 288 5.34 28.87 14.05
C THR A 288 4.28 27.87 13.53
N ASN A 289 4.68 26.70 13.02
CA ASN A 289 3.67 25.73 12.54
C ASN A 289 2.78 25.21 13.63
N ALA A 290 3.37 24.92 14.80
CA ALA A 290 2.58 24.45 15.95
C ALA A 290 1.58 25.54 16.41
N TRP A 291 2.05 26.78 16.41
CA TRP A 291 1.19 27.94 16.75
C TRP A 291 -0.02 28.04 15.80
N LYS A 292 0.18 27.69 14.54
CA LYS A 292 -0.91 27.72 13.53
C LYS A 292 -1.86 26.56 13.58
N SER A 293 -1.31 25.38 13.80
CA SER A 293 -2.02 24.11 13.51
C SER A 293 -1.92 23.03 14.57
N GLY A 294 -1.06 23.23 15.55
CA GLY A 294 -0.83 22.22 16.56
C GLY A 294 0.17 21.13 16.20
N ASP A 295 0.68 21.13 14.97
CA ASP A 295 1.73 20.17 14.57
C ASP A 295 2.91 20.94 14.02
N PRO A 296 4.13 20.37 14.11
CA PRO A 296 4.46 19.06 14.73
C PRO A 296 4.80 19.19 16.21
N GLY A 297 4.70 18.08 16.93
CA GLY A 297 5.20 18.01 18.28
C GLY A 297 6.69 17.80 18.37
N LEU A 298 7.17 17.63 19.61
CA LEU A 298 8.54 17.26 19.89
C LEU A 298 8.56 15.88 20.60
N ALA A 299 9.46 15.03 20.13
CA ALA A 299 9.67 13.68 20.68
C ALA A 299 11.11 13.58 21.17
N PHE A 300 11.32 13.55 22.51
CA PHE A 300 12.70 13.52 23.05
C PHE A 300 13.11 12.08 23.17
N LEU A 301 13.45 11.50 22.02
CA LEU A 301 13.79 10.07 21.87
C LEU A 301 14.98 9.67 22.74
N GLY A 302 15.97 10.55 22.78
CA GLY A 302 17.12 10.43 23.66
C GLY A 302 16.78 10.29 25.12
N GLU A 303 15.86 11.11 25.57
CA GLU A 303 15.40 11.04 26.95
C GLU A 303 14.66 9.75 27.22
N MET A 304 13.99 9.20 26.20
CA MET A 304 13.27 7.95 26.38
C MET A 304 14.27 6.78 26.55
N ASN A 305 15.27 6.79 25.70
CA ASN A 305 16.34 5.79 25.74
C ASN A 305 17.17 5.88 27.05
N LYS A 306 17.32 7.09 27.59
CA LYS A 306 17.94 7.31 28.92
C LYS A 306 17.32 6.41 29.99
N TYR A 307 16.00 6.23 29.95
CA TYR A 307 15.29 5.39 30.94
C TYR A 307 14.78 4.04 30.43
N TYR A 308 15.15 3.66 29.20
CA TYR A 308 14.77 2.39 28.59
C TYR A 308 15.67 1.26 29.15
N PRO A 309 15.10 0.31 29.90
CA PRO A 309 15.99 -0.70 30.50
C PRO A 309 16.78 -1.60 29.51
N LEU A 310 16.41 -1.61 28.21
CA LEU A 310 17.09 -2.48 27.23
C LEU A 310 18.03 -1.75 26.34
N TYR A 311 18.19 -0.46 26.54
CA TYR A 311 19.05 0.35 25.69
C TYR A 311 20.49 0.12 26.11
N PRO A 312 21.43 0.08 25.16
CA PRO A 312 21.33 0.10 23.69
C PRO A 312 21.12 -1.22 22.98
N HIS A 313 20.88 -2.32 23.69
CA HIS A 313 20.63 -3.60 23.01
C HIS A 313 19.45 -3.44 22.07
N ARG A 314 18.46 -2.70 22.57
CA ARG A 314 17.28 -2.32 21.81
C ARG A 314 17.10 -0.82 21.99
N LYS A 315 16.27 -0.26 21.12
CA LYS A 315 16.28 1.18 20.96
C LYS A 315 14.88 1.63 20.64
N ILE A 316 14.49 2.74 21.27
CA ILE A 316 13.24 3.39 20.99
C ILE A 316 13.51 4.43 19.92
N ASN A 317 12.87 4.25 18.77
CA ASN A 317 12.95 5.19 17.69
C ASN A 317 11.64 6.01 17.46
N SER A 318 10.51 5.62 18.06
CA SER A 318 9.24 6.25 17.82
C SER A 318 8.28 5.97 18.98
N THR A 319 7.21 6.79 19.05
CA THR A 319 6.05 6.56 19.88
C THR A 319 4.88 6.09 19.05
N ASN A 320 3.83 5.64 19.73
CA ASN A 320 2.51 5.43 19.14
C ASN A 320 1.86 6.83 18.90
N PRO A 321 0.67 6.90 18.30
CA PRO A 321 -0.04 8.16 18.00
C PRO A 321 -0.13 9.26 19.06
N CYS A 322 -0.44 8.98 20.31
CA CYS A 322 -0.60 10.08 21.27
C CYS A 322 0.64 10.39 22.12
N GLY A 323 1.77 9.77 21.77
CA GLY A 323 3.05 10.06 22.38
C GLY A 323 3.38 9.27 23.66
N GLU A 324 2.39 8.57 24.19
CA GLU A 324 2.53 8.10 25.58
C GLU A 324 3.41 6.86 25.76
N ILE A 325 3.60 6.05 24.73
CA ILE A 325 4.51 4.88 24.85
C ILE A 325 5.65 5.01 23.87
N GLY A 326 6.88 5.08 24.37
CA GLY A 326 8.04 4.93 23.51
C GLY A 326 8.30 3.42 23.26
N LEU A 327 8.26 2.99 21.99
CA LEU A 327 8.36 1.54 21.61
C LEU A 327 9.58 1.20 20.71
N SER A 328 10.20 0.03 20.94
CA SER A 328 11.25 -0.43 20.03
C SER A 328 10.49 -1.02 18.84
N ASP A 329 11.26 -1.34 17.80
CA ASP A 329 10.70 -1.88 16.54
C ASP A 329 9.90 -3.15 16.72
N TYR A 330 8.68 -3.13 16.18
CA TYR A 330 7.70 -4.20 16.28
C TYR A 330 7.12 -4.41 17.67
N GLU A 331 7.40 -3.51 18.60
CA GLU A 331 6.87 -3.63 19.94
C GLU A 331 5.46 -3.04 20.02
N ALA A 332 4.62 -3.64 20.85
CA ALA A 332 3.31 -3.07 21.16
C ALA A 332 3.11 -3.03 22.67
N CYS A 333 2.02 -2.38 23.10
CA CYS A 333 1.76 -2.15 24.53
C CYS A 333 0.28 -1.99 24.76
N ASN A 334 -0.24 -2.75 25.73
CA ASN A 334 -1.62 -2.66 26.17
C ASN A 334 -1.69 -1.80 27.45
N LEU A 335 -2.74 -0.99 27.49
CA LEU A 335 -2.94 0.00 28.50
C LEU A 335 -4.21 -0.26 29.32
N GLY A 336 -4.27 0.45 30.47
CA GLY A 336 -5.47 0.57 31.26
C GLY A 336 -5.31 1.64 32.32
N SER A 337 -6.44 2.13 32.82
CA SER A 337 -6.43 3.26 33.72
C SER A 337 -7.34 3.13 34.90
N ILE A 338 -6.84 3.62 36.03
CA ILE A 338 -7.56 3.72 37.30
C ILE A 338 -8.26 5.06 37.48
N ASP A 339 -9.57 5.04 37.77
CA ASP A 339 -10.30 6.31 38.09
C ASP A 339 -10.05 6.77 39.53
N VAL A 340 -9.06 7.62 39.70
CA VAL A 340 -8.67 8.08 41.07
C VAL A 340 -9.66 9.00 41.76
N ALA A 341 -10.59 9.58 40.99
CA ALA A 341 -11.67 10.36 41.59
C ALA A 341 -12.53 9.53 42.53
N LYS A 342 -12.66 8.23 42.22
CA LYS A 342 -13.41 7.29 43.02
C LYS A 342 -12.71 6.92 44.34
N PHE A 343 -11.47 7.35 44.51
CA PHE A 343 -10.70 7.04 45.74
C PHE A 343 -10.65 8.18 46.77
N TYR A 344 -11.38 9.27 46.51
CA TYR A 344 -11.51 10.33 47.48
C TYR A 344 -12.28 9.85 48.69
N ASN A 345 -11.76 10.14 49.87
CA ASN A 345 -12.49 9.85 51.09
C ASN A 345 -12.18 10.89 52.18
N ASN A 346 -13.12 11.82 52.38
CA ASN A 346 -13.10 12.72 53.55
C ASN A 346 -11.80 13.53 53.66
N GLY A 347 -11.41 14.17 52.57
CA GLY A 347 -10.22 15.00 52.57
C GLY A 347 -8.91 14.38 52.17
N PHE A 348 -8.90 13.07 51.91
CA PHE A 348 -7.69 12.34 51.55
C PHE A 348 -7.92 11.30 50.46
N VAL A 349 -6.85 10.86 49.83
CA VAL A 349 -6.97 9.72 48.90
C VAL A 349 -6.86 8.44 49.70
N ASP A 350 -7.74 7.48 49.41
CA ASP A 350 -7.69 6.18 50.10
C ASP A 350 -6.59 5.27 49.54
N LEU A 351 -5.41 5.35 50.16
CA LEU A 351 -4.27 4.60 49.68
C LEU A 351 -4.41 3.11 50.01
N GLU A 352 -5.21 2.79 51.01
CA GLU A 352 -5.45 1.36 51.30
C GLU A 352 -6.07 0.68 50.08
N ALA A 353 -7.14 1.27 49.59
CA ALA A 353 -7.89 0.62 48.54
C ALA A 353 -7.13 0.80 47.21
N LEU A 354 -6.48 1.95 47.03
CA LEU A 354 -5.70 2.20 45.80
C LEU A 354 -4.54 1.19 45.60
N GLN A 355 -3.81 0.86 46.67
CA GLN A 355 -2.72 -0.11 46.53
C GLN A 355 -3.25 -1.50 46.10
N GLU A 356 -4.39 -1.93 46.62
CA GLU A 356 -4.96 -3.21 46.22
C GLU A 356 -5.35 -3.22 44.73
N LEU A 357 -5.83 -2.07 44.23
CA LEU A 357 -6.32 -2.00 42.85
C LEU A 357 -5.14 -1.94 41.91
N VAL A 358 -4.05 -1.32 42.34
CA VAL A 358 -2.85 -1.30 41.55
C VAL A 358 -2.40 -2.71 41.31
N GLN A 359 -2.43 -3.50 42.38
CA GLN A 359 -2.07 -4.89 42.32
C GLN A 359 -2.91 -5.70 41.37
N ILE A 360 -4.22 -5.57 41.45
CA ILE A 360 -5.12 -6.28 40.58
C ILE A 360 -4.90 -5.84 39.13
N ALA A 361 -4.82 -4.53 38.92
CA ALA A 361 -4.67 -3.96 37.58
C ALA A 361 -3.42 -4.39 36.84
N VAL A 362 -2.27 -4.43 37.51
CA VAL A 362 -1.02 -4.90 36.90
C VAL A 362 -1.14 -6.41 36.50
N ARG A 363 -1.76 -7.23 37.35
CA ARG A 363 -1.99 -8.64 36.95
C ARG A 363 -2.98 -8.74 35.77
N PHE A 364 -4.04 -7.95 35.80
CA PHE A 364 -4.95 -7.86 34.65
C PHE A 364 -4.18 -7.56 33.39
N LEU A 365 -3.39 -6.48 33.40
CA LEU A 365 -2.72 -6.04 32.16
C LEU A 365 -1.69 -7.03 31.67
N ASP A 366 -0.96 -7.64 32.59
CA ASP A 366 0.04 -8.67 32.23
C ASP A 366 -0.63 -9.95 31.66
N ASN A 367 -1.78 -10.32 32.19
CA ASN A 367 -2.61 -11.39 31.65
C ASN A 367 -3.12 -11.11 30.20
N VAL A 368 -3.49 -9.87 29.93
CA VAL A 368 -3.87 -9.51 28.56
C VAL A 368 -2.84 -9.96 27.48
N ILE A 369 -1.57 -9.75 27.75
CA ILE A 369 -0.52 -10.17 26.86
C ILE A 369 -0.72 -11.68 26.46
N ASP A 370 -1.06 -12.51 27.44
CA ASP A 370 -1.13 -13.98 27.19
C ASP A 370 -2.34 -14.37 26.34
N VAL A 371 -3.38 -13.53 26.28
CA VAL A 371 -4.55 -13.86 25.50
C VAL A 371 -4.70 -12.96 24.25
N ASN A 372 -3.68 -12.16 24.01
CA ASN A 372 -3.61 -11.23 22.88
C ASN A 372 -3.10 -11.95 21.63
N VAL A 373 -3.69 -11.66 20.49
CA VAL A 373 -3.24 -12.22 19.21
C VAL A 373 -2.87 -11.02 18.33
N PHE A 374 -1.62 -10.96 17.86
CA PHE A 374 -1.16 -9.91 16.94
C PHE A 374 -1.15 -10.34 15.47
N PRO A 375 -1.20 -9.37 14.52
CA PRO A 375 -1.25 -9.80 13.11
C PRO A 375 0.04 -10.16 12.42
N ILE A 376 1.17 -10.04 13.12
CA ILE A 376 2.46 -10.11 12.52
C ILE A 376 3.35 -10.79 13.56
N ASP A 377 4.03 -11.89 13.18
CA ASP A 377 4.88 -12.67 14.10
C ASP A 377 6.00 -11.86 14.78
N LYS A 378 6.61 -10.96 14.06
CA LYS A 378 7.66 -10.18 14.67
C LYS A 378 7.15 -9.36 15.89
N ILE A 379 5.88 -8.97 15.87
CA ILE A 379 5.26 -8.23 17.00
C ILE A 379 5.00 -9.14 18.20
N THR A 380 4.43 -10.33 17.92
CA THR A 380 4.19 -11.33 18.93
C THR A 380 5.48 -11.64 19.72
N LYS A 381 6.55 -11.84 18.97
CA LYS A 381 7.86 -12.06 19.55
C LYS A 381 8.34 -10.90 20.43
N ALA A 382 8.35 -9.68 19.89
CA ALA A 382 8.81 -8.52 20.66
C ALA A 382 8.04 -8.31 21.96
N VAL A 383 6.73 -8.50 21.94
CA VAL A 383 5.91 -8.35 23.13
C VAL A 383 6.19 -9.46 24.17
N LYS A 384 6.24 -10.69 23.69
CA LYS A 384 6.61 -11.82 24.54
C LYS A 384 7.94 -11.60 25.24
N GLU A 385 8.91 -11.02 24.55
CA GLU A 385 10.23 -10.83 25.13
C GLU A 385 10.32 -9.76 26.20
N SER A 386 9.47 -8.72 26.09
CA SER A 386 9.52 -7.51 26.98
C SER A 386 8.34 -7.36 27.97
N ARG A 387 7.14 -7.73 27.59
CA ARG A 387 5.93 -7.62 28.39
C ARG A 387 5.71 -6.21 28.95
N ARG A 388 5.90 -5.24 28.11
CA ARG A 388 5.71 -3.85 28.55
C ARG A 388 4.23 -3.59 28.81
N LEU A 389 3.89 -2.91 29.92
CA LEU A 389 2.51 -2.52 30.22
C LEU A 389 2.40 -0.97 30.33
N GLY A 390 1.17 -0.49 30.29
CA GLY A 390 0.86 0.97 30.43
C GLY A 390 -0.27 1.26 31.39
N LEU A 391 0.00 1.09 32.68
CA LEU A 391 -0.98 1.40 33.71
C LEU A 391 -0.94 2.89 34.02
N GLY A 392 -2.10 3.50 33.95
CA GLY A 392 -2.26 4.93 34.25
C GLY A 392 -3.48 5.29 35.07
N ILE A 393 -3.80 6.61 35.05
CA ILE A 393 -4.93 7.14 35.80
C ILE A 393 -5.79 8.04 34.93
N MET A 394 -7.05 8.11 35.31
CA MET A 394 -8.00 9.08 34.85
C MET A 394 -8.71 9.65 36.07
N GLY A 395 -9.52 10.68 35.88
CA GLY A 395 -10.22 11.30 37.02
C GLY A 395 -9.39 12.23 37.89
N PHE A 396 -8.16 12.52 37.49
CA PHE A 396 -7.25 13.30 38.34
C PHE A 396 -7.77 14.72 38.57
N ALA A 397 -8.34 15.33 37.54
CA ALA A 397 -8.85 16.72 37.68
C ALA A 397 -10.03 16.78 38.66
N ASP A 398 -10.94 15.82 38.48
CA ASP A 398 -12.04 15.67 39.37
C ASP A 398 -11.63 15.39 40.82
N LEU A 399 -10.54 14.64 41.00
CA LEU A 399 -10.02 14.40 42.33
C LEU A 399 -9.57 15.68 42.99
N LEU A 400 -8.87 16.51 42.23
CA LEU A 400 -8.39 17.77 42.79
C LEU A 400 -9.53 18.63 43.24
N TYR A 401 -10.60 18.67 42.43
CA TYR A 401 -11.77 19.43 42.83
C TYR A 401 -12.30 18.98 44.16
N LYS A 402 -12.35 17.66 44.36
CA LYS A 402 -12.89 17.08 45.59
C LYS A 402 -11.99 17.45 46.80
N LEU A 403 -10.67 17.45 46.57
CA LEU A 403 -9.69 17.80 47.58
C LEU A 403 -9.57 19.29 47.72
N GLU A 404 -10.29 20.03 46.89
CA GLU A 404 -10.25 21.50 46.97
C GLU A 404 -8.82 22.02 46.74
N ILE A 405 -8.16 21.43 45.76
CA ILE A 405 -6.82 21.86 45.33
C ILE A 405 -6.90 22.47 43.92
N PRO A 406 -6.44 23.76 43.74
CA PRO A 406 -6.34 24.26 42.35
C PRO A 406 -5.30 23.58 41.46
N TYR A 407 -5.70 23.25 40.23
CA TYR A 407 -4.79 22.47 39.35
C TYR A 407 -3.51 23.26 39.07
N ASN A 408 -3.67 24.57 38.90
CA ASN A 408 -2.55 25.48 38.63
C ASN A 408 -1.94 25.98 39.95
N SER A 409 -1.24 25.08 40.64
CA SER A 409 -0.65 25.38 41.95
C SER A 409 0.47 24.44 42.24
N GLN A 410 1.43 24.88 43.02
CA GLN A 410 2.48 23.96 43.43
C GLN A 410 1.88 22.83 44.32
N GLU A 411 0.85 23.18 45.11
CA GLU A 411 0.14 22.15 45.89
C GLU A 411 -0.28 20.94 45.06
N ALA A 412 -0.92 21.21 43.92
CA ALA A 412 -1.40 20.15 43.02
C ALA A 412 -0.29 19.29 42.45
N ARG A 413 0.84 19.93 42.10
CA ARG A 413 1.91 19.26 41.41
C ARG A 413 2.61 18.35 42.42
N ASP A 414 2.73 18.84 43.67
CA ASP A 414 3.31 18.06 44.79
C ASP A 414 2.49 16.87 45.10
N PHE A 415 1.16 17.04 45.13
CA PHE A 415 0.20 15.94 45.27
C PHE A 415 0.25 14.91 44.13
N ALA A 416 0.30 15.41 42.89
CA ALA A 416 0.48 14.56 41.67
C ALA A 416 1.71 13.70 41.76
N ALA A 417 2.84 14.32 42.08
CA ALA A 417 4.06 13.57 42.13
C ALA A 417 3.98 12.48 43.21
N ASN A 418 3.43 12.83 44.37
CA ASN A 418 3.24 11.86 45.44
C ASN A 418 2.31 10.72 45.09
N LEU A 419 1.20 11.03 44.46
CA LEU A 419 0.25 10.02 44.02
C LEU A 419 0.86 9.09 43.01
N MET A 420 1.51 9.64 41.97
CA MET A 420 2.14 8.83 40.92
C MET A 420 3.33 8.04 41.51
N ALA A 421 4.09 8.65 42.43
CA ALA A 421 5.20 7.91 43.11
C ALA A 421 4.64 6.63 43.85
N PHE A 422 3.53 6.82 44.58
CA PHE A 422 2.85 5.68 45.24
C PHE A 422 2.36 4.60 44.27
N ILE A 423 1.68 5.00 43.20
CA ILE A 423 1.27 4.05 42.19
C ILE A 423 2.46 3.29 41.58
N ALA A 424 3.54 4.02 41.29
CA ALA A 424 4.74 3.45 40.68
C ALA A 424 5.37 2.43 41.59
N LEU A 425 5.50 2.79 42.85
CA LEU A 425 6.03 1.87 43.90
C LEU A 425 5.28 0.55 43.92
N HIS A 426 3.96 0.60 44.04
CA HIS A 426 3.21 -0.65 44.17
C HIS A 426 3.03 -1.38 42.86
N ALA A 427 3.13 -0.66 41.72
CA ALA A 427 3.10 -1.38 40.42
C ALA A 427 4.35 -2.20 40.20
N HIS A 428 5.49 -1.60 40.46
CA HIS A 428 6.75 -2.28 40.22
C HIS A 428 6.91 -3.41 41.30
N ARG A 429 6.45 -3.17 42.51
CA ARG A 429 6.37 -4.26 43.47
C ARG A 429 5.54 -5.41 42.94
N THR A 430 4.38 -5.16 42.32
CA THR A 430 3.62 -6.31 41.86
C THR A 430 4.31 -6.98 40.66
N SER A 431 5.10 -6.25 39.90
CA SER A 431 5.86 -6.86 38.79
C SER A 431 6.94 -7.81 39.37
N TYR A 432 7.55 -7.40 40.48
CA TYR A 432 8.43 -8.32 41.23
C TYR A 432 7.70 -9.62 41.61
N GLU A 433 6.59 -9.49 42.34
CA GLU A 433 5.80 -10.66 42.80
C GLU A 433 5.41 -11.56 41.60
N LEU A 434 4.98 -10.93 40.52
CA LEU A 434 4.61 -11.66 39.28
C LEU A 434 5.78 -12.38 38.61
N GLY A 435 6.94 -11.78 38.60
CA GLY A 435 8.11 -12.45 38.02
C GLY A 435 8.45 -13.70 38.82
N LYS A 436 8.28 -13.59 40.14
CA LYS A 436 8.48 -14.76 41.03
C LYS A 436 7.38 -15.82 40.80
N GLU A 437 6.12 -15.43 40.63
CA GLU A 437 5.07 -16.41 40.48
C GLU A 437 5.02 -17.03 39.09
N LYS A 438 5.18 -16.21 38.05
CA LYS A 438 4.95 -16.66 36.66
C LYS A 438 6.22 -16.76 35.82
N GLY A 439 7.32 -16.22 36.28
CA GLY A 439 8.56 -16.17 35.50
C GLY A 439 8.90 -14.77 35.02
N ASN A 440 10.20 -14.49 34.88
CA ASN A 440 10.65 -13.16 34.50
C ASN A 440 10.38 -12.88 33.00
N PHE A 441 10.35 -11.59 32.60
CA PHE A 441 10.33 -11.34 31.14
C PHE A 441 11.68 -11.81 30.57
N PRO A 442 11.63 -12.51 29.41
CA PRO A 442 12.83 -13.13 28.81
C PRO A 442 14.09 -12.27 28.74
N LEU A 443 13.94 -10.98 28.50
CA LEU A 443 15.11 -10.11 28.42
C LEU A 443 15.58 -9.48 29.75
N LEU A 444 15.03 -9.90 30.89
CA LEU A 444 15.51 -9.36 32.19
C LEU A 444 17.03 -9.38 32.26
N GLU A 445 17.62 -10.54 31.91
CA GLU A 445 19.06 -10.78 32.00
C GLU A 445 19.89 -9.69 31.41
N ILE A 446 19.51 -9.23 30.22
CA ILE A 446 20.32 -8.28 29.49
C ILE A 446 19.90 -6.81 29.76
N SER A 447 18.94 -6.63 30.65
CA SER A 447 18.40 -5.30 30.99
C SER A 447 19.21 -4.61 32.07
N ARG A 448 19.07 -3.29 32.18
CA ARG A 448 19.77 -2.50 33.19
C ARG A 448 19.28 -2.76 34.61
N TYR A 449 18.11 -3.39 34.76
CA TYR A 449 17.69 -3.88 36.07
C TYR A 449 18.62 -5.01 36.58
N ARG A 450 19.34 -5.68 35.69
CA ARG A 450 20.40 -6.65 36.07
C ARG A 450 21.83 -6.14 35.94
N THR A 451 22.17 -5.48 34.84
CA THR A 451 23.56 -5.17 34.53
C THR A 451 24.11 -3.89 35.18
N GLU A 452 23.24 -3.13 35.83
CA GLU A 452 23.64 -1.97 36.62
C GLU A 452 23.24 -2.12 38.08
N ASP A 453 23.81 -1.24 38.90
CA ASP A 453 23.28 -0.91 40.20
C ASP A 453 22.64 0.50 40.10
N ASN A 454 21.52 0.64 40.77
CA ASN A 454 20.88 1.95 40.98
C ASN A 454 20.13 2.48 39.76
N PHE A 455 19.88 1.63 38.76
CA PHE A 455 19.01 2.02 37.66
C PHE A 455 17.56 2.13 38.16
N VAL A 456 16.95 3.26 37.82
CA VAL A 456 15.57 3.55 38.12
C VAL A 456 14.99 4.12 36.78
N PRO A 457 13.84 3.61 36.32
CA PRO A 457 13.38 4.02 34.99
C PRO A 457 12.65 5.39 34.89
N PHE A 458 12.88 6.27 35.84
CA PHE A 458 12.31 7.59 35.83
C PHE A 458 13.11 8.46 36.78
N ALA A 459 12.89 9.78 36.69
CA ALA A 459 13.81 10.72 37.32
C ALA A 459 13.60 10.94 38.81
N MET A 460 12.39 10.67 39.31
CA MET A 460 11.99 11.02 40.67
C MET A 460 12.27 12.47 41.14
N GLY A 461 12.60 12.68 42.43
CA GLY A 461 12.99 14.02 42.94
C GLY A 461 11.86 14.88 43.45
N MET A 462 10.66 14.30 43.64
CA MET A 462 9.52 15.10 44.12
C MET A 462 8.63 14.33 45.06
N SER A 463 9.20 13.44 45.86
CA SER A 463 8.36 12.61 46.76
C SER A 463 9.17 11.98 47.89
N ASN A 464 8.44 11.74 49.01
CA ASN A 464 8.94 10.99 50.19
C ASN A 464 9.22 9.53 49.85
N TYR A 465 8.62 9.05 48.75
CA TYR A 465 8.64 7.62 48.43
C TYR A 465 9.91 7.20 47.66
N ASP A 466 10.79 8.14 47.34
CA ASP A 466 11.92 7.88 46.44
C ASP A 466 12.79 6.80 46.97
N ASP A 467 13.08 6.82 48.27
CA ASP A 467 13.94 5.80 48.82
C ASP A 467 13.39 4.41 48.71
N GLU A 468 12.10 4.21 49.01
CA GLU A 468 11.48 2.90 48.88
C GLU A 468 11.43 2.46 47.45
N ILE A 469 11.22 3.41 46.53
CA ILE A 469 11.19 3.03 45.10
C ILE A 469 12.57 2.48 44.68
N ARG A 470 13.62 3.17 45.11
CA ARG A 470 14.98 2.68 44.89
C ARG A 470 15.17 1.26 45.38
N GLU A 471 14.57 0.93 46.53
CA GLU A 471 14.72 -0.43 47.06
C GLU A 471 14.03 -1.42 46.13
N VAL A 472 12.73 -1.20 45.85
CA VAL A 472 11.99 -2.05 44.92
C VAL A 472 12.71 -2.28 43.62
N MET A 473 13.38 -1.27 43.10
CA MET A 473 14.06 -1.44 41.81
C MET A 473 15.26 -2.40 42.00
N LYS A 474 15.90 -2.34 43.16
CA LYS A 474 17.01 -3.30 43.44
C LYS A 474 16.49 -4.71 43.55
N MET A 475 15.36 -4.92 44.24
CA MET A 475 14.80 -6.24 44.40
C MET A 475 14.51 -6.83 43.00
N THR A 476 14.19 -5.93 42.07
CA THR A 476 13.78 -6.32 40.75
C THR A 476 14.93 -6.78 39.83
N LYS A 477 16.18 -6.58 40.24
CA LYS A 477 17.32 -7.24 39.61
C LYS A 477 17.14 -8.77 39.56
N GLU A 478 16.40 -9.32 40.51
CA GLU A 478 16.20 -10.77 40.63
C GLU A 478 14.91 -11.34 40.02
N PHE A 479 13.78 -10.69 40.33
CA PHE A 479 12.49 -11.00 39.77
C PHE A 479 11.79 -9.73 39.22
N ARG A 480 11.23 -9.86 38.01
CA ARG A 480 10.52 -8.78 37.28
C ARG A 480 9.75 -9.34 36.08
N ARG A 481 8.45 -9.18 36.05
CA ARG A 481 7.63 -9.74 35.00
C ARG A 481 7.61 -8.84 33.77
N ASN A 482 7.86 -7.53 33.98
CA ASN A 482 7.62 -6.52 32.93
C ASN A 482 8.73 -5.50 32.83
N VAL A 483 9.09 -5.13 31.60
CA VAL A 483 10.20 -4.22 31.35
C VAL A 483 9.80 -2.79 31.79
N ALA A 484 8.52 -2.46 31.70
CA ALA A 484 8.04 -1.17 32.23
C ALA A 484 6.54 -1.30 32.40
N LEU A 485 5.96 -0.45 33.24
CA LEU A 485 4.58 -0.66 33.70
C LEU A 485 3.58 0.47 33.58
N LEU A 486 4.07 1.69 33.41
CA LEU A 486 3.25 2.89 33.70
C LEU A 486 3.15 3.87 32.55
N THR A 487 1.96 4.49 32.40
CA THR A 487 1.81 5.59 31.46
C THR A 487 0.67 6.46 31.97
N ILE A 488 0.45 7.62 31.33
CA ILE A 488 -0.85 8.27 31.44
C ILE A 488 -1.29 8.51 30.04
N ALA A 489 -2.42 7.95 29.71
CA ALA A 489 -2.96 8.03 28.36
C ALA A 489 -3.98 9.16 28.29
N PRO A 490 -4.46 9.45 27.11
CA PRO A 490 -5.52 10.41 26.91
C PRO A 490 -6.87 10.00 27.55
N THR A 491 -7.17 8.71 27.50
CA THR A 491 -8.44 8.15 27.97
C THR A 491 -9.68 8.80 27.31
N GLY A 492 -9.54 9.10 26.03
CA GLY A 492 -10.57 9.82 25.33
C GLY A 492 -11.90 9.09 25.31
N SER A 493 -11.89 7.75 25.29
CA SER A 493 -13.14 6.99 25.38
C SER A 493 -13.40 6.38 26.75
N ILE A 494 -12.37 5.87 27.42
CA ILE A 494 -12.64 5.15 28.64
C ILE A 494 -13.00 6.08 29.77
N SER A 495 -12.59 7.36 29.71
CA SER A 495 -12.98 8.32 30.74
C SER A 495 -14.45 8.69 30.58
N ASN A 496 -14.95 8.68 29.34
CA ASN A 496 -16.36 8.82 29.12
C ASN A 496 -17.17 7.65 29.72
N ILE A 497 -16.70 6.43 29.49
CA ILE A 497 -17.41 5.28 30.02
C ILE A 497 -17.44 5.32 31.54
N ALA A 498 -16.33 5.68 32.17
CA ALA A 498 -16.22 5.83 33.62
C ALA A 498 -16.87 7.08 34.24
N ASP A 499 -17.34 7.99 33.40
CA ASP A 499 -18.00 9.20 33.84
C ASP A 499 -17.00 10.02 34.66
N THR A 500 -15.84 10.31 34.11
CA THR A 500 -14.78 10.96 34.88
C THR A 500 -13.87 11.82 33.97
N SER A 501 -13.06 12.70 34.57
CA SER A 501 -12.11 13.53 33.83
C SER A 501 -11.08 12.65 33.13
N SER A 502 -10.49 13.22 32.11
CA SER A 502 -9.70 12.49 31.14
C SER A 502 -8.23 12.50 31.55
N GLY A 503 -7.67 11.33 31.78
CA GLY A 503 -6.26 11.22 32.11
C GLY A 503 -5.86 12.17 33.20
N LEU A 504 -4.68 12.80 33.03
CA LEU A 504 -4.16 13.77 33.96
C LEU A 504 -4.62 15.19 33.57
N GLU A 505 -5.46 15.31 32.54
CA GLU A 505 -5.86 16.64 32.04
C GLU A 505 -6.88 17.34 32.95
N PRO A 506 -6.81 18.68 32.96
CA PRO A 506 -7.86 19.37 33.62
C PRO A 506 -9.12 19.26 32.79
N ASN A 507 -10.25 19.48 33.44
CA ASN A 507 -11.50 19.54 32.65
C ASN A 507 -11.42 20.64 31.63
N PHE A 508 -11.83 20.35 30.40
CA PHE A 508 -11.82 21.40 29.42
C PHE A 508 -12.94 22.45 29.68
N LEU A 509 -14.13 21.98 30.06
CA LEU A 509 -15.25 22.85 30.44
C LEU A 509 -15.99 22.23 31.62
N LEU A 510 -16.61 23.06 32.45
CA LEU A 510 -17.39 22.60 33.59
C LEU A 510 -18.84 22.36 33.23
N ALA A 511 -19.25 22.82 32.06
CA ALA A 511 -20.65 22.69 31.68
C ALA A 511 -20.81 22.97 30.20
N TYR A 512 -21.71 22.21 29.60
CA TYR A 512 -22.07 22.39 28.19
C TYR A 512 -23.40 21.70 27.92
N THR A 513 -23.96 21.98 26.75
CA THR A 513 -25.24 21.38 26.35
C THR A 513 -24.90 20.03 25.71
N ARG A 514 -25.42 18.96 26.30
CA ARG A 514 -25.38 17.65 25.62
C ARG A 514 -26.64 17.50 24.75
N PHE A 515 -26.53 16.68 23.70
CA PHE A 515 -27.64 16.54 22.73
C PHE A 515 -28.08 15.09 22.55
N VAL A 516 -29.35 14.86 22.87
CA VAL A 516 -29.92 13.52 22.91
C VAL A 516 -30.84 13.32 21.70
N THR A 517 -30.63 12.23 20.95
CA THR A 517 -31.57 11.86 19.88
C THR A 517 -32.88 11.34 20.48
N LYS A 518 -33.96 12.07 20.23
CA LYS A 518 -35.24 11.85 20.90
C LYS A 518 -36.13 10.76 20.25
N GLU A 519 -36.16 10.71 18.92
CA GLU A 519 -37.25 10.07 18.13
C GLU A 519 -38.54 10.86 18.34
N ASP A 520 -39.19 11.14 17.22
CA ASP A 520 -40.13 12.25 17.03
C ASP A 520 -39.38 13.31 16.25
N GLY A 521 -38.24 13.74 16.78
CA GLY A 521 -37.44 14.78 16.15
C GLY A 521 -36.67 15.58 17.18
N THR A 522 -35.54 16.14 16.77
CA THR A 522 -34.63 16.84 17.69
C THR A 522 -33.85 15.75 18.50
N LYS A 523 -32.63 15.98 19.04
CA LYS A 523 -32.09 17.22 19.63
C LYS A 523 -32.92 17.78 20.80
N GLU A 524 -32.92 17.01 21.89
CA GLU A 524 -33.32 17.55 23.19
C GLU A 524 -32.01 18.02 23.87
N PRO A 525 -31.85 19.35 24.05
CA PRO A 525 -30.72 19.88 24.81
C PRO A 525 -30.88 19.62 26.29
N LEU A 526 -29.83 19.16 26.96
CA LEU A 526 -29.98 18.74 28.36
C LEU A 526 -29.27 19.66 29.37
N LEU A 527 -28.03 20.01 29.08
CA LEU A 527 -27.11 20.71 30.03
C LEU A 527 -26.41 19.70 30.91
N TYR A 528 -25.10 19.66 30.73
CA TYR A 528 -24.21 18.89 31.58
C TYR A 528 -23.50 19.91 32.44
N VAL A 529 -23.52 19.73 33.75
CA VAL A 529 -22.62 20.45 34.66
C VAL A 529 -21.74 19.43 35.37
N ASN A 530 -20.45 19.72 35.51
CA ASN A 530 -19.52 18.84 36.24
C ASN A 530 -20.12 18.39 37.55
N GLN A 531 -20.19 17.10 37.82
CA GLN A 531 -20.86 16.63 39.05
C GLN A 531 -20.30 17.17 40.37
N VAL A 532 -18.97 17.23 40.53
CA VAL A 532 -18.36 17.79 41.76
C VAL A 532 -18.78 19.29 41.99
N LEU A 533 -18.77 20.05 40.91
CA LEU A 533 -19.24 21.42 40.97
C LEU A 533 -20.73 21.40 41.41
N ARG A 534 -21.54 20.54 40.80
CA ARG A 534 -22.95 20.41 41.16
C ARG A 534 -23.13 20.25 42.70
N GLU A 535 -22.25 19.45 43.31
CA GLU A 535 -22.33 19.14 44.74
C GLU A 535 -21.82 20.23 45.67
N LYS A 536 -20.84 21.00 45.23
CA LYS A 536 -20.27 22.04 46.09
C LYS A 536 -20.97 23.38 45.97
N LEU A 537 -21.43 23.69 44.76
CA LEU A 537 -22.00 24.99 44.52
C LEU A 537 -23.47 24.98 44.92
N ASN A 538 -23.84 26.01 45.70
CA ASN A 538 -25.22 26.36 46.03
C ASN A 538 -26.10 26.29 44.78
N PRO A 539 -27.10 25.40 44.74
CA PRO A 539 -27.83 25.18 43.48
C PRO A 539 -28.56 26.45 42.96
N GLU A 540 -28.83 27.37 43.88
CA GLU A 540 -29.47 28.64 43.53
C GLU A 540 -28.51 29.44 42.64
N ILE A 541 -27.29 29.66 43.14
CA ILE A 541 -26.18 30.27 42.36
C ILE A 541 -25.93 29.63 41.00
N LEU A 542 -25.85 28.30 40.97
CA LEU A 542 -25.58 27.56 39.73
C LEU A 542 -26.62 27.94 38.67
N LYS A 543 -27.90 27.91 39.05
CA LYS A 543 -28.97 28.21 38.10
C LYS A 543 -28.78 29.64 37.56
N ARG A 544 -28.32 30.52 38.42
CA ARG A 544 -28.09 31.93 38.08
C ARG A 544 -26.93 32.14 37.09
N ILE A 545 -25.79 31.48 37.32
CA ILE A 545 -24.57 31.72 36.53
C ILE A 545 -24.41 30.83 35.31
N GLU A 546 -25.14 29.73 35.24
CA GLU A 546 -24.78 28.70 34.28
C GLU A 546 -24.87 29.15 32.83
N LYS A 547 -25.75 30.13 32.55
CA LYS A 547 -25.86 30.71 31.22
C LYS A 547 -24.53 31.31 30.84
N GLU A 548 -24.07 32.20 31.72
CA GLU A 548 -22.83 32.90 31.53
C GLU A 548 -21.62 31.94 31.50
N LEU A 549 -21.74 30.83 32.22
CA LEU A 549 -20.65 29.83 32.35
C LEU A 549 -20.52 29.07 31.04
N ILE A 550 -21.63 28.72 30.42
CA ILE A 550 -21.60 28.11 29.10
C ILE A 550 -21.03 29.05 28.02
N GLU A 551 -21.40 30.32 28.10
CA GLU A 551 -21.04 31.31 27.14
C GLU A 551 -19.53 31.64 27.22
N LYS A 552 -19.05 31.84 28.44
CA LYS A 552 -17.67 32.26 28.69
C LYS A 552 -16.70 31.11 28.91
N GLY A 553 -17.21 29.90 29.11
CA GLY A 553 -16.38 28.70 29.24
C GLY A 553 -15.46 28.68 30.45
N SER A 554 -15.69 29.56 31.42
CA SER A 554 -14.96 29.64 32.69
C SER A 554 -15.81 30.39 33.75
N LEU A 555 -15.55 30.10 35.03
CA LEU A 555 -16.12 30.85 36.16
C LEU A 555 -15.40 32.16 36.45
N LYS A 556 -14.18 32.33 35.96
CA LYS A 556 -13.26 33.34 36.48
C LYS A 556 -13.81 34.77 36.57
N ASP A 557 -14.57 35.17 35.55
CA ASP A 557 -15.08 36.54 35.53
C ASP A 557 -16.59 36.58 35.74
N ILE A 558 -17.11 35.64 36.53
CA ILE A 558 -18.53 35.64 36.81
C ILE A 558 -18.70 36.29 38.18
N PRO A 559 -19.64 37.25 38.26
CA PRO A 559 -19.82 38.01 39.46
C PRO A 559 -20.54 37.17 40.47
N ASP A 560 -20.17 37.30 41.73
CA ASP A 560 -20.84 36.65 42.86
C ASP A 560 -20.73 35.12 42.89
N VAL A 561 -19.68 34.59 42.23
CA VAL A 561 -19.20 33.22 42.52
C VAL A 561 -18.08 33.36 43.54
N PRO A 562 -18.15 32.61 44.65
CA PRO A 562 -17.11 32.75 45.66
C PRO A 562 -15.71 32.53 45.10
N GLU A 563 -14.75 33.27 45.63
CA GLU A 563 -13.39 33.21 45.13
C GLU A 563 -12.82 31.77 45.32
N LYS A 564 -13.08 31.15 46.48
CA LYS A 564 -12.62 29.76 46.72
C LYS A 564 -13.09 28.76 45.64
N ILE A 565 -14.32 28.94 45.17
CA ILE A 565 -14.88 28.10 44.14
C ILE A 565 -14.20 28.44 42.81
N LYS A 566 -13.96 29.72 42.57
CA LYS A 566 -13.23 30.11 41.35
C LYS A 566 -11.81 29.50 41.29
N LYS A 567 -11.15 29.46 42.43
CA LYS A 567 -9.78 29.07 42.45
C LYS A 567 -9.68 27.56 42.24
N VAL A 568 -10.60 26.83 42.85
CA VAL A 568 -10.56 25.36 42.76
C VAL A 568 -11.07 24.85 41.42
N PHE A 569 -12.20 25.39 40.93
CA PHE A 569 -12.84 24.88 39.73
C PHE A 569 -12.30 25.58 38.50
N VAL A 570 -11.01 25.39 38.29
CA VAL A 570 -10.38 25.79 37.08
C VAL A 570 -10.54 24.77 35.93
N VAL A 571 -10.58 25.31 34.71
CA VAL A 571 -10.59 24.53 33.47
C VAL A 571 -9.32 24.81 32.68
N ALA A 572 -9.11 24.03 31.62
CA ALA A 572 -7.85 24.00 30.89
C ALA A 572 -7.32 25.44 30.54
N LEU A 573 -8.19 26.27 29.99
CA LEU A 573 -7.74 27.64 29.61
C LEU A 573 -7.60 28.67 30.74
N ASP A 574 -8.10 28.35 31.94
CA ASP A 574 -7.76 29.12 33.14
C ASP A 574 -6.31 28.89 33.58
N ILE A 575 -5.72 27.81 33.11
CA ILE A 575 -4.40 27.35 33.60
C ILE A 575 -3.35 27.74 32.59
N ASP A 576 -2.28 28.42 32.99
CA ASP A 576 -1.34 28.91 32.04
C ASP A 576 -0.42 27.80 31.50
N PRO A 577 0.19 28.03 30.34
CA PRO A 577 1.01 27.01 29.69
C PRO A 577 2.11 26.47 30.60
N MET A 578 2.77 27.32 31.38
CA MET A 578 3.80 26.81 32.29
C MET A 578 3.23 25.88 33.35
N ASP A 579 2.01 26.16 33.81
CA ASP A 579 1.38 25.32 34.81
C ASP A 579 0.91 23.97 34.21
N HIS A 580 0.50 23.98 32.94
CA HIS A 580 0.28 22.72 32.22
C HIS A 580 1.57 21.90 32.18
N LEU A 581 2.64 22.57 31.77
CA LEU A 581 3.93 21.93 31.55
C LEU A 581 4.48 21.36 32.81
N LEU A 582 4.45 22.13 33.89
CA LEU A 582 5.01 21.66 35.15
C LEU A 582 4.20 20.50 35.74
N MET A 583 2.91 20.40 35.46
CA MET A 583 2.14 19.26 35.94
C MET A 583 2.56 17.99 35.19
N GLN A 584 2.81 18.09 33.89
CA GLN A 584 3.43 17.02 33.09
C GLN A 584 4.76 16.53 33.68
N ASP A 585 5.62 17.47 34.05
CA ASP A 585 6.92 17.13 34.70
C ASP A 585 6.72 16.34 36.00
N ALA A 586 5.70 16.74 36.78
CA ALA A 586 5.45 16.14 38.10
C ALA A 586 5.11 14.69 37.94
N PHE A 587 4.18 14.36 37.02
CA PHE A 587 3.87 12.95 36.70
C PHE A 587 5.03 12.20 36.04
N GLN A 588 5.72 12.83 35.09
CA GLN A 588 6.73 12.12 34.29
C GLN A 588 7.90 11.65 35.19
N ARG A 589 8.11 12.37 36.30
CA ARG A 589 9.19 11.99 37.23
C ARG A 589 8.95 10.57 37.80
N TYR A 590 7.70 10.06 37.79
CA TYR A 590 7.34 8.72 38.33
C TYR A 590 6.59 7.80 37.36
N VAL A 591 6.85 8.00 36.06
CA VAL A 591 6.28 7.21 34.99
C VAL A 591 7.45 6.70 34.13
N ASP A 592 7.49 5.38 33.86
CA ASP A 592 8.60 4.75 33.14
C ASP A 592 8.44 4.79 31.61
N ASN A 593 7.20 4.84 31.13
CA ASN A 593 7.00 5.16 29.72
C ASN A 593 6.80 6.67 29.66
N ASN A 594 6.01 7.18 28.69
CA ASN A 594 5.78 8.61 28.60
C ASN A 594 4.37 9.03 29.07
N ILE A 595 3.97 10.26 28.73
CA ILE A 595 2.75 10.87 29.21
C ILE A 595 2.05 11.64 28.09
N SER A 596 0.75 11.41 27.95
CA SER A 596 -0.10 12.23 27.05
C SER A 596 -0.51 13.52 27.79
N LYS A 597 -0.13 14.69 27.27
CA LYS A 597 -0.46 15.99 27.83
C LYS A 597 -0.52 17.03 26.71
N THR A 598 -1.64 17.74 26.60
CA THR A 598 -1.71 18.89 25.69
C THR A 598 -1.35 20.13 26.49
N ILE A 599 -0.36 20.91 26.03
CA ILE A 599 -0.11 22.22 26.60
C ILE A 599 -1.04 23.26 25.96
N ASN A 600 -2.12 23.58 26.64
CA ASN A 600 -3.13 24.49 26.08
C ASN A 600 -2.59 25.90 26.14
N MET A 601 -2.77 26.66 25.07
CA MET A 601 -2.28 28.03 25.05
C MET A 601 -3.39 28.98 24.65
N PRO A 602 -3.42 30.17 25.29
CA PRO A 602 -4.48 31.11 25.00
C PRO A 602 -4.37 31.58 23.56
N GLN A 603 -5.50 31.97 22.97
CA GLN A 603 -5.50 32.45 21.58
C GLN A 603 -4.54 33.60 21.37
N SER A 604 -4.30 34.34 22.46
CA SER A 604 -3.39 35.47 22.51
C SER A 604 -1.91 35.16 22.64
N ALA A 605 -1.56 33.89 22.77
CA ALA A 605 -0.18 33.50 22.77
C ALA A 605 0.48 33.84 21.45
N THR A 606 1.76 34.17 21.51
CA THR A 606 2.59 34.41 20.36
C THR A 606 3.50 33.18 20.05
N VAL A 607 4.16 33.23 18.90
CA VAL A 607 5.17 32.23 18.57
C VAL A 607 6.30 32.23 19.60
N ASP A 608 6.72 33.41 20.05
CA ASP A 608 7.69 33.49 21.17
C ASP A 608 7.25 32.76 22.46
N ASP A 609 5.97 32.87 22.82
CA ASP A 609 5.44 32.12 23.96
C ASP A 609 5.56 30.61 23.75
N VAL A 610 5.33 30.15 22.50
CA VAL A 610 5.51 28.72 22.14
C VAL A 610 6.95 28.32 22.27
N LEU A 611 7.86 29.12 21.71
CA LEU A 611 9.29 28.84 21.91
C LEU A 611 9.70 28.71 23.37
N ASN A 612 9.16 29.58 24.21
CA ASN A 612 9.52 29.53 25.65
C ASN A 612 9.00 28.23 26.30
N VAL A 613 7.85 27.71 25.86
CA VAL A 613 7.37 26.40 26.35
C VAL A 613 8.38 25.33 25.98
N TYR A 614 8.88 25.37 24.75
CA TYR A 614 9.83 24.36 24.27
C TYR A 614 11.11 24.47 25.08
N LEU A 615 11.56 25.69 25.31
CA LEU A 615 12.80 25.85 26.12
C LEU A 615 12.62 25.37 27.58
N GLU A 616 11.49 25.72 28.21
CA GLU A 616 11.25 25.27 29.56
C GLU A 616 11.14 23.75 29.54
N ALA A 617 10.57 23.20 28.48
CA ALA A 617 10.40 21.72 28.38
C ALA A 617 11.77 21.03 28.39
N LEU A 618 12.77 21.66 27.74
CA LEU A 618 14.15 21.13 27.67
C LEU A 618 14.84 21.06 29.03
N ARG A 619 14.38 21.90 29.94
CA ARG A 619 14.88 21.96 31.29
C ARG A 619 14.16 21.08 32.27
N THR A 620 12.92 20.69 31.98
CA THR A 620 12.14 19.84 32.83
C THR A 620 12.41 18.38 32.44
N ASN A 621 11.67 17.43 33.03
CA ASN A 621 11.90 16.01 32.78
C ASN A 621 10.93 15.41 31.78
N VAL A 622 10.24 16.27 31.03
CA VAL A 622 9.29 15.77 30.06
C VAL A 622 10.04 15.05 28.94
N ARG A 623 9.34 14.09 28.36
CA ARG A 623 9.87 13.29 27.27
C ARG A 623 9.30 13.66 25.89
N GLY A 624 8.36 14.59 25.87
CA GLY A 624 7.83 15.08 24.61
C GLY A 624 6.86 16.23 24.88
N ILE A 625 6.48 16.90 23.83
CA ILE A 625 5.64 18.12 23.92
C ILE A 625 4.59 18.09 22.83
N THR A 626 3.36 18.38 23.22
CA THR A 626 2.26 18.67 22.31
C THR A 626 1.71 20.03 22.79
N VAL A 627 1.56 20.96 21.87
CA VAL A 627 0.87 22.25 22.16
C VAL A 627 -0.39 22.40 21.32
N TYR A 628 -1.38 23.09 21.89
CA TYR A 628 -2.56 23.47 21.14
C TYR A 628 -3.01 24.88 21.55
N ARG A 629 -2.96 25.81 20.61
CA ARG A 629 -3.32 27.19 20.88
C ARG A 629 -4.79 27.31 20.59
N ASP A 630 -5.54 27.73 21.59
CA ASP A 630 -7.00 27.86 21.46
C ASP A 630 -7.31 28.71 20.25
N GLY A 631 -8.25 28.24 19.44
CA GLY A 631 -8.76 29.01 18.29
C GLY A 631 -7.86 28.92 17.07
N SER A 632 -6.83 28.09 17.11
CA SER A 632 -5.87 28.10 16.00
C SER A 632 -6.37 27.35 14.78
N LEU A 633 -7.10 26.25 15.00
CA LEU A 633 -7.59 25.40 13.92
C LEU A 633 -9.09 25.65 13.74
N MET B 1 14.79 -14.40 -51.17
CA MET B 1 16.22 -14.23 -50.85
C MET B 1 16.59 -14.82 -49.46
N LYS B 2 17.84 -15.27 -49.29
CA LYS B 2 18.23 -15.82 -47.99
C LYS B 2 18.29 -14.66 -46.95
N LEU B 3 17.93 -14.97 -45.72
CA LEU B 3 17.98 -13.94 -44.67
C LEU B 3 19.34 -13.28 -44.57
N SER B 4 20.41 -14.05 -44.69
CA SER B 4 21.75 -13.46 -44.53
C SER B 4 21.97 -12.32 -45.52
N ASP B 5 21.35 -12.39 -46.70
CA ASP B 5 21.52 -11.34 -47.70
C ASP B 5 20.59 -10.16 -47.48
N LEU B 6 19.41 -10.43 -46.92
CA LEU B 6 18.59 -9.37 -46.38
C LEU B 6 19.29 -8.63 -45.27
N ILE B 7 19.92 -9.37 -44.34
CA ILE B 7 20.70 -8.74 -43.28
C ILE B 7 21.68 -7.74 -43.89
N SER B 8 22.38 -8.18 -44.92
CA SER B 8 23.38 -7.32 -45.59
C SER B 8 22.80 -6.01 -46.08
N ARG B 9 21.55 -6.03 -46.54
CA ARG B 9 20.87 -4.81 -46.98
C ARG B 9 20.62 -3.75 -45.91
N TRP B 10 20.40 -4.20 -44.68
CA TRP B 10 19.92 -3.34 -43.61
C TRP B 10 20.96 -3.10 -42.49
N ILE B 11 21.93 -3.98 -42.35
CA ILE B 11 22.79 -3.99 -41.18
C ILE B 11 23.57 -2.70 -40.98
N ASP B 12 23.97 -2.05 -42.08
CA ASP B 12 24.70 -0.77 -42.02
C ASP B 12 23.85 0.44 -42.31
N VAL B 13 22.54 0.25 -42.31
CA VAL B 13 21.65 1.40 -42.31
C VAL B 13 21.55 1.93 -40.89
N GLU B 14 21.95 3.18 -40.70
CA GLU B 14 22.15 3.80 -39.40
C GLU B 14 20.79 4.20 -38.85
N PRO B 15 20.56 4.03 -37.54
CA PRO B 15 19.35 4.61 -37.01
C PRO B 15 19.26 6.07 -37.32
N SER B 16 18.07 6.59 -37.54
CA SER B 16 17.91 8.04 -37.73
C SER B 16 18.35 8.86 -36.53
N LYS B 17 18.61 10.15 -36.78
CA LYS B 17 18.90 11.12 -35.73
C LYS B 17 17.86 11.07 -34.61
N ASN B 18 16.59 10.92 -34.98
CA ASN B 18 15.54 10.85 -34.01
C ASN B 18 15.59 9.60 -33.12
N ALA B 19 15.86 8.47 -33.75
CA ALA B 19 15.98 7.20 -33.06
C ALA B 19 17.25 7.25 -32.21
N GLN B 20 18.31 7.88 -32.70
CA GLN B 20 19.57 8.01 -31.91
C GLN B 20 19.42 8.80 -30.62
N ILE B 21 18.57 9.83 -30.62
CA ILE B 21 18.25 10.62 -29.44
C ILE B 21 17.52 9.80 -28.39
N ILE B 22 16.56 9.05 -28.86
CA ILE B 22 15.81 8.14 -28.03
C ILE B 22 16.73 7.10 -27.37
N LEU B 23 17.63 6.52 -28.16
CA LEU B 23 18.62 5.56 -27.67
C LEU B 23 19.55 6.15 -26.63
N ARG B 24 20.08 7.34 -26.91
CA ARG B 24 20.95 8.03 -25.96
C ARG B 24 20.23 8.36 -24.70
N ASP B 25 18.99 8.82 -24.84
CA ASP B 25 18.18 9.21 -23.72
C ASP B 25 17.91 8.10 -22.71
N ARG B 26 17.50 6.93 -23.18
CA ARG B 26 17.10 5.85 -22.26
C ARG B 26 17.63 4.45 -22.50
N TYR B 27 18.29 4.14 -23.62
CA TYR B 27 18.64 2.73 -23.95
C TYR B 27 20.15 2.44 -23.81
N PHE B 28 20.99 3.40 -24.16
CA PHE B 28 22.43 3.19 -23.93
C PHE B 28 22.75 3.04 -22.41
N MET B 29 23.42 1.93 -22.07
CA MET B 29 23.72 1.62 -20.69
C MET B 29 24.74 2.60 -20.12
N LYS B 30 24.51 3.03 -18.88
CA LYS B 30 25.41 3.89 -18.13
C LYS B 30 25.97 3.16 -16.90
N ASP B 31 27.13 3.64 -16.43
CA ASP B 31 27.71 3.11 -15.17
C ASP B 31 27.07 3.83 -14.00
N LEU B 32 27.47 3.49 -12.78
CA LEU B 32 26.86 4.10 -11.60
C LEU B 32 27.03 5.61 -11.55
N ASP B 33 28.14 6.12 -12.06
CA ASP B 33 28.44 7.55 -12.08
C ASP B 33 27.80 8.29 -13.23
N GLY B 34 27.09 7.56 -14.11
CA GLY B 34 26.36 8.22 -15.19
C GLY B 34 27.09 8.33 -16.52
N ASN B 35 28.26 7.71 -16.62
CA ASN B 35 29.01 7.72 -17.87
C ASN B 35 28.44 6.66 -18.81
N TYR B 36 28.38 6.97 -20.10
CA TYR B 36 28.00 5.99 -21.08
C TYR B 36 28.97 4.81 -21.26
N LEU B 37 28.44 3.59 -21.21
CA LEU B 37 29.15 2.41 -21.59
C LEU B 37 28.82 2.02 -23.06
N GLU B 38 27.77 2.64 -23.62
CA GLU B 38 27.34 2.36 -24.99
C GLU B 38 27.09 3.70 -25.64
N THR B 39 27.48 3.84 -26.91
CA THR B 39 27.28 5.07 -27.67
C THR B 39 26.59 4.86 -29.00
N LYS B 40 26.36 3.60 -29.38
CA LYS B 40 25.78 3.25 -30.67
C LYS B 40 24.86 2.06 -30.55
N TRP B 41 23.89 1.96 -31.45
CA TRP B 41 22.96 0.83 -31.48
C TRP B 41 23.68 -0.52 -31.60
N GLU B 42 24.83 -0.55 -32.31
CA GLU B 42 25.67 -1.73 -32.41
C GLU B 42 26.03 -2.31 -31.06
N ASP B 43 26.29 -1.43 -30.11
CA ASP B 43 26.72 -1.85 -28.73
C ASP B 43 25.57 -2.58 -27.99
N VAL B 44 24.37 -2.05 -28.16
CA VAL B 44 23.15 -2.68 -27.57
C VAL B 44 22.86 -4.03 -28.20
N ALA B 45 22.93 -4.09 -29.52
CA ALA B 45 22.80 -5.37 -30.22
C ALA B 45 23.81 -6.39 -29.74
N ARG B 46 25.05 -5.97 -29.55
CA ARG B 46 26.10 -6.88 -29.07
C ARG B 46 25.74 -7.39 -27.73
N ARG B 47 25.42 -6.48 -26.82
CA ARG B 47 25.11 -6.82 -25.40
C ARG B 47 23.92 -7.78 -25.25
N VAL B 48 22.82 -7.41 -25.89
CA VAL B 48 21.59 -8.17 -25.82
C VAL B 48 21.75 -9.55 -26.48
N ALA B 49 22.31 -9.61 -27.68
CA ALA B 49 22.57 -10.88 -28.32
C ALA B 49 23.40 -11.80 -27.46
N ARG B 50 24.46 -11.28 -26.82
CA ARG B 50 25.35 -12.13 -26.00
C ARG B 50 24.63 -12.69 -24.81
N VAL B 51 23.89 -11.83 -24.12
CA VAL B 51 23.15 -12.27 -22.95
C VAL B 51 22.12 -13.31 -23.33
N VAL B 52 21.39 -13.12 -24.43
CA VAL B 52 20.31 -14.05 -24.76
C VAL B 52 20.84 -15.37 -25.32
N ALA B 53 21.92 -15.31 -26.09
CA ALA B 53 22.70 -16.53 -26.48
C ALA B 53 23.19 -17.38 -25.32
N THR B 54 23.49 -16.80 -24.16
CA THR B 54 23.96 -17.60 -22.98
C THR B 54 22.96 -18.63 -22.47
N ALA B 55 21.68 -18.42 -22.77
CA ALA B 55 20.66 -19.43 -22.54
C ALA B 55 20.96 -20.77 -23.16
N GLU B 56 21.70 -20.77 -24.27
CA GLU B 56 22.09 -22.07 -24.88
C GLU B 56 22.96 -22.99 -23.97
N LEU B 57 23.58 -22.41 -22.95
CA LEU B 57 24.28 -23.18 -21.92
C LEU B 57 23.39 -24.26 -21.36
N LEU B 58 22.08 -24.02 -21.31
CA LEU B 58 21.13 -24.97 -20.75
C LEU B 58 20.58 -25.99 -21.74
N ASN B 59 20.96 -25.92 -23.02
CA ASN B 59 20.38 -26.78 -24.05
C ASN B 59 20.88 -28.24 -23.86
N PRO B 60 19.96 -29.19 -23.58
CA PRO B 60 20.43 -30.57 -23.31
C PRO B 60 20.88 -31.31 -24.59
N SER B 61 20.61 -30.77 -25.76
CA SER B 61 20.97 -31.43 -26.99
C SER B 61 22.41 -31.12 -27.35
N TYR B 62 23.03 -30.14 -26.70
CA TYR B 62 24.45 -29.83 -26.96
C TYR B 62 25.35 -30.58 -25.99
N LYS B 63 26.34 -31.27 -26.57
CA LYS B 63 27.44 -31.80 -25.77
C LYS B 63 28.21 -30.63 -25.17
N LYS B 64 28.55 -30.74 -23.89
CA LYS B 64 29.46 -29.80 -23.23
C LYS B 64 30.59 -29.41 -24.17
N ASN B 65 31.07 -30.36 -24.97
CA ASN B 65 32.22 -30.06 -25.84
C ASN B 65 31.89 -29.18 -27.05
N GLU B 66 30.63 -29.18 -27.49
CA GLU B 66 30.23 -28.36 -28.67
C GLU B 66 29.59 -27.03 -28.26
N LYS B 67 29.22 -26.89 -27.00
CA LYS B 67 28.49 -25.71 -26.52
C LYS B 67 29.08 -24.37 -26.96
N LEU B 68 30.39 -24.20 -26.88
CA LEU B 68 30.99 -22.90 -27.22
C LEU B 68 30.73 -22.47 -28.68
N ASP B 69 30.96 -23.39 -29.63
CA ASP B 69 30.74 -23.11 -31.04
C ASP B 69 29.27 -22.75 -31.29
N ARG B 70 28.38 -23.52 -30.68
CA ARG B 70 26.92 -23.35 -30.83
C ARG B 70 26.48 -22.05 -30.21
N ILE B 71 26.97 -21.71 -29.03
CA ILE B 71 26.61 -20.44 -28.39
C ILE B 71 27.06 -19.29 -29.27
N LYS B 72 28.30 -19.34 -29.78
CA LYS B 72 28.77 -18.25 -30.61
C LYS B 72 27.96 -18.09 -31.90
N GLU B 73 27.49 -19.19 -32.48
CA GLU B 73 26.70 -19.14 -33.73
C GLU B 73 25.37 -18.41 -33.47
N TRP B 74 24.75 -18.70 -32.33
CA TRP B 74 23.48 -18.02 -31.92
C TRP B 74 23.72 -16.55 -31.57
N GLU B 75 24.78 -16.23 -30.85
CA GLU B 75 25.11 -14.85 -30.59
C GLU B 75 25.25 -14.13 -31.89
N ASP B 76 25.95 -14.74 -32.87
CA ASP B 76 26.26 -14.05 -34.12
C ASP B 76 24.94 -13.77 -34.89
N ILE B 77 24.06 -14.76 -34.99
CA ILE B 77 22.83 -14.55 -35.78
C ILE B 77 21.90 -13.59 -35.04
N PHE B 78 21.82 -13.69 -33.71
CA PHE B 78 21.03 -12.70 -32.93
C PHE B 78 21.59 -11.32 -33.12
N PHE B 79 22.91 -11.19 -33.03
CA PHE B 79 23.50 -9.85 -33.19
C PHE B 79 23.21 -9.22 -34.56
N ARG B 80 23.28 -10.02 -35.62
CA ARG B 80 23.11 -9.48 -36.96
C ARG B 80 21.66 -9.05 -37.24
N VAL B 81 20.73 -9.84 -36.79
CA VAL B 81 19.28 -9.50 -36.92
C VAL B 81 18.93 -8.24 -36.13
N LEU B 82 19.49 -8.10 -34.92
CA LEU B 82 19.23 -7.01 -34.05
C LEU B 82 19.86 -5.75 -34.64
N LYS B 83 21.12 -5.84 -35.13
CA LYS B 83 21.80 -4.63 -35.62
C LYS B 83 21.06 -4.09 -36.82
N ALA B 84 20.62 -4.99 -37.67
CA ALA B 84 19.83 -4.65 -38.87
C ALA B 84 18.44 -4.11 -38.54
N ARG B 85 18.01 -4.28 -37.29
CA ARG B 85 16.67 -3.87 -36.86
C ARG B 85 15.57 -4.58 -37.64
N LEU B 86 15.80 -5.85 -37.96
CA LEU B 86 14.80 -6.70 -38.58
C LEU B 86 13.80 -7.25 -37.54
N PHE B 87 14.31 -7.45 -36.32
CA PHE B 87 13.58 -7.89 -35.10
C PHE B 87 14.19 -7.18 -33.89
N ILE B 88 13.34 -6.67 -33.00
CA ILE B 88 13.78 -6.00 -31.76
C ILE B 88 12.86 -6.50 -30.66
N PRO B 89 13.44 -6.90 -29.52
CA PRO B 89 12.67 -7.26 -28.36
C PRO B 89 12.06 -6.10 -27.63
N ASN B 90 11.09 -6.39 -26.77
CA ASN B 90 10.55 -5.34 -25.94
C ASN B 90 11.55 -4.54 -25.12
N SER B 91 11.26 -3.27 -24.84
CA SER B 91 12.21 -2.37 -24.15
C SER B 91 12.97 -2.92 -22.93
N PRO B 92 12.26 -3.58 -22.00
CA PRO B 92 12.95 -4.08 -20.82
C PRO B 92 14.14 -5.01 -21.16
N THR B 93 14.04 -5.75 -22.25
CA THR B 93 15.15 -6.62 -22.70
C THR B 93 16.35 -5.75 -23.06
N LEU B 94 16.07 -4.63 -23.74
CA LEU B 94 17.08 -3.65 -24.15
C LEU B 94 17.66 -2.89 -22.98
N PHE B 95 16.84 -2.47 -22.04
CA PHE B 95 17.33 -1.75 -20.88
C PHE B 95 18.16 -2.60 -19.94
N ASN B 96 17.74 -3.83 -19.71
CA ASN B 96 18.23 -4.55 -18.53
C ASN B 96 19.13 -5.76 -18.79
N ALA B 97 19.25 -6.15 -20.04
CA ALA B 97 20.11 -7.28 -20.43
C ALA B 97 21.52 -6.96 -19.95
N GLY B 98 22.14 -7.84 -19.20
CA GLY B 98 23.54 -7.62 -18.77
C GLY B 98 23.70 -6.97 -17.40
N LEU B 99 22.61 -6.56 -16.74
CA LEU B 99 22.73 -5.95 -15.42
C LEU B 99 23.33 -6.93 -14.44
N GLY B 100 24.36 -6.47 -13.73
CA GLY B 100 25.10 -7.34 -12.82
C GLY B 100 26.43 -7.85 -13.37
N VAL B 101 26.60 -7.86 -14.68
CA VAL B 101 27.69 -8.56 -15.35
C VAL B 101 28.86 -7.61 -15.51
N LYS B 102 30.10 -8.14 -15.49
CA LYS B 102 31.28 -7.27 -15.63
C LYS B 102 31.26 -6.61 -16.98
N HIS B 103 31.54 -5.32 -17.00
CA HIS B 103 31.54 -4.58 -18.23
C HIS B 103 32.54 -5.13 -19.24
N ASP B 104 33.60 -5.80 -18.77
CA ASP B 104 34.57 -6.32 -19.74
C ASP B 104 34.08 -7.55 -20.51
N LEU B 105 32.95 -8.13 -20.10
CA LEU B 105 32.42 -9.27 -20.80
C LEU B 105 31.27 -8.99 -21.78
N LEU B 106 30.59 -7.87 -21.64
CA LEU B 106 29.31 -7.66 -22.36
C LEU B 106 29.52 -7.21 -23.81
N TRP B 107 30.70 -6.66 -24.10
CA TRP B 107 31.02 -6.14 -25.44
C TRP B 107 32.29 -6.72 -26.05
N LYS B 108 32.88 -7.69 -25.39
CA LYS B 108 34.10 -8.33 -25.87
C LYS B 108 33.87 -9.04 -27.23
N PRO B 109 34.90 -9.10 -28.10
CA PRO B 109 34.67 -9.75 -29.38
C PRO B 109 34.27 -11.22 -29.25
N ILE B 110 33.33 -11.62 -30.10
CA ILE B 110 32.83 -12.96 -30.03
C ILE B 110 33.88 -14.07 -30.30
N ASP B 111 34.88 -13.78 -31.14
CA ASP B 111 35.93 -14.75 -31.46
C ASP B 111 36.86 -14.94 -30.28
N GLN B 112 36.79 -14.06 -29.29
CA GLN B 112 37.55 -14.23 -28.03
C GLN B 112 36.73 -14.89 -26.89
N MET B 113 35.45 -15.09 -27.11
CA MET B 113 34.62 -15.62 -26.06
C MET B 113 35.01 -17.06 -25.78
N THR B 114 35.14 -17.39 -24.50
CA THR B 114 35.38 -18.75 -24.06
C THR B 114 34.12 -19.22 -23.40
N LEU B 115 34.05 -20.53 -23.15
CA LEU B 115 32.91 -21.11 -22.47
C LEU B 115 32.78 -20.57 -21.04
N GLU B 116 33.91 -20.37 -20.37
CA GLU B 116 33.91 -19.72 -19.05
C GLU B 116 33.37 -18.29 -19.04
N ASP B 117 33.62 -17.52 -20.09
CA ASP B 117 33.04 -16.18 -20.14
C ASP B 117 31.52 -16.27 -20.14
N TYR B 118 30.97 -17.14 -20.97
CA TYR B 118 29.51 -17.25 -21.07
C TYR B 118 28.92 -17.76 -19.74
N GLU B 119 29.62 -18.70 -19.10
CA GLU B 119 29.16 -19.19 -17.78
C GLU B 119 29.12 -18.06 -16.76
N GLU B 120 30.07 -17.14 -16.84
CA GLU B 120 30.17 -16.03 -15.90
C GLU B 120 29.08 -15.00 -16.14
N ILE B 121 28.80 -14.73 -17.41
CA ILE B 121 27.62 -13.95 -17.78
C ILE B 121 26.38 -14.55 -17.17
N TYR B 122 26.13 -15.83 -17.38
CA TYR B 122 24.93 -16.45 -16.90
C TYR B 122 24.80 -16.36 -15.38
N ARG B 123 25.91 -16.58 -14.67
CA ARG B 123 25.94 -16.56 -13.21
C ARG B 123 25.79 -15.20 -12.58
N SER B 124 26.19 -14.13 -13.27
CA SER B 124 26.25 -12.80 -12.64
C SER B 124 25.06 -11.84 -12.91
N ARG B 125 24.10 -12.29 -13.66
CA ARG B 125 22.81 -11.60 -13.78
C ARG B 125 22.24 -11.26 -12.41
N ASN B 126 21.96 -9.98 -12.13
CA ASN B 126 21.47 -9.61 -10.79
C ASN B 126 19.93 -9.58 -10.65
N HIS B 127 19.46 -9.22 -9.46
CA HIS B 127 18.04 -9.33 -9.10
C HIS B 127 17.13 -8.36 -9.90
N LEU B 128 17.77 -7.46 -10.66
CA LEU B 128 17.15 -6.45 -11.47
C LEU B 128 17.11 -6.83 -12.96
N HIS B 129 17.57 -8.04 -13.28
CA HIS B 129 17.82 -8.46 -14.67
C HIS B 129 16.51 -8.91 -15.33
N MET B 130 15.58 -7.96 -15.44
CA MET B 130 14.15 -8.27 -15.79
C MET B 130 13.85 -7.80 -17.22
N LEU B 131 13.50 -8.72 -18.09
CA LEU B 131 13.54 -8.52 -19.51
C LEU B 131 12.15 -8.62 -20.17
N SER B 132 11.09 -8.64 -19.37
CA SER B 132 9.71 -8.89 -19.85
C SER B 132 8.83 -7.68 -19.60
N ALA B 133 7.95 -7.34 -20.54
CA ALA B 133 7.16 -6.17 -20.43
C ALA B 133 5.77 -6.39 -19.77
N CYS B 134 5.24 -7.61 -19.74
CA CYS B 134 3.83 -7.87 -19.43
C CYS B 134 3.67 -8.75 -18.20
N PHE B 135 2.85 -8.29 -17.25
CA PHE B 135 2.57 -9.03 -15.99
C PHE B 135 1.09 -8.96 -15.61
N VAL B 136 0.58 -10.03 -14.97
CA VAL B 136 -0.71 -9.98 -14.26
C VAL B 136 -0.50 -10.59 -12.89
N VAL B 137 -1.06 -9.92 -11.90
CA VAL B 137 -1.18 -10.47 -10.55
C VAL B 137 -2.63 -10.35 -10.05
N PRO B 138 -3.05 -11.31 -9.21
CA PRO B 138 -4.38 -11.27 -8.60
C PRO B 138 -4.44 -10.28 -7.46
N VAL B 139 -5.66 -9.82 -7.14
CA VAL B 139 -5.92 -9.04 -5.97
C VAL B 139 -7.12 -9.65 -5.22
N GLY B 140 -6.82 -10.57 -4.32
CA GLY B 140 -7.85 -11.25 -3.53
C GLY B 140 -8.56 -10.39 -2.51
N ASP B 141 -9.72 -10.87 -2.10
CA ASP B 141 -10.66 -10.07 -1.34
C ASP B 141 -10.34 -10.04 0.16
N SER B 142 -9.13 -9.60 0.53
CA SER B 142 -8.73 -9.37 1.94
C SER B 142 -7.68 -8.29 2.04
N ILE B 143 -7.55 -7.68 3.22
CA ILE B 143 -6.54 -6.61 3.42
C ILE B 143 -5.15 -7.17 3.20
N GLU B 144 -4.88 -8.37 3.73
CA GLU B 144 -3.59 -9.02 3.47
C GLU B 144 -3.25 -9.05 1.98
N GLU B 145 -4.19 -9.57 1.21
CA GLU B 145 -4.02 -9.79 -0.22
C GLU B 145 -3.93 -8.51 -1.01
N ILE B 146 -4.80 -7.55 -0.76
CA ILE B 146 -4.74 -6.20 -1.41
C ILE B 146 -3.36 -5.56 -1.25
N PHE B 147 -2.87 -5.49 -0.02
CA PHE B 147 -1.60 -4.82 0.26
C PHE B 147 -0.36 -5.60 -0.13
N GLU B 148 -0.43 -6.93 -0.17
CA GLU B 148 0.61 -7.73 -0.84
C GLU B 148 0.68 -7.41 -2.35
N ALA B 149 -0.49 -7.22 -2.97
CA ALA B 149 -0.56 -6.90 -4.34
C ALA B 149 -0.06 -5.49 -4.59
N VAL B 150 -0.33 -4.57 -3.68
CA VAL B 150 0.24 -3.21 -3.81
C VAL B 150 1.76 -3.30 -3.83
N LYS B 151 2.29 -4.07 -2.91
CA LYS B 151 3.72 -4.32 -2.83
C LYS B 151 4.23 -4.91 -4.15
N GLU B 152 3.51 -5.86 -4.74
CA GLU B 152 3.94 -6.48 -6.00
C GLU B 152 3.94 -5.47 -7.11
N TYR B 153 2.91 -4.65 -7.15
CA TYR B 153 2.88 -3.51 -8.15
C TYR B 153 4.15 -2.68 -8.10
N ALA B 154 4.54 -2.31 -6.90
CA ALA B 154 5.69 -1.44 -6.71
C ALA B 154 6.98 -2.16 -7.14
N LEU B 155 7.12 -3.41 -6.75
CA LEU B 155 8.31 -4.22 -7.13
C LEU B 155 8.45 -4.42 -8.64
N ILE B 156 7.34 -4.67 -9.32
CA ILE B 156 7.29 -4.82 -10.80
C ILE B 156 7.58 -3.50 -11.51
N THR B 157 6.93 -2.43 -11.01
CA THR B 157 7.15 -1.11 -11.53
C THR B 157 8.64 -0.68 -11.44
N LYS B 158 9.23 -0.87 -10.28
CA LYS B 158 10.68 -0.55 -10.05
C LYS B 158 11.63 -1.12 -11.12
N VAL B 159 11.39 -2.36 -11.55
CA VAL B 159 12.27 -3.07 -12.55
C VAL B 159 11.82 -2.90 -13.98
N GLY B 160 10.70 -2.25 -14.19
CA GLY B 160 10.32 -1.77 -15.48
C GLY B 160 9.19 -2.43 -16.21
N GLY B 161 8.38 -3.21 -15.45
CA GLY B 161 7.27 -3.99 -16.01
C GLY B 161 5.91 -3.32 -15.94
N GLY B 162 5.06 -3.67 -16.89
CA GLY B 162 3.67 -3.22 -16.93
C GLY B 162 2.81 -4.33 -16.37
N VAL B 163 1.90 -3.94 -15.46
CA VAL B 163 1.15 -4.88 -14.66
C VAL B 163 -0.35 -4.54 -14.68
N GLY B 164 -1.14 -5.59 -14.80
CA GLY B 164 -2.59 -5.52 -14.79
C GLY B 164 -3.20 -6.42 -13.74
N SER B 165 -4.43 -6.10 -13.32
CA SER B 165 -5.17 -6.97 -12.39
C SER B 165 -6.69 -6.90 -12.71
N ASN B 166 -7.40 -7.98 -12.47
CA ASN B 166 -8.85 -7.90 -12.44
C ASN B 166 -9.23 -7.69 -10.96
N PHE B 167 -9.98 -6.63 -10.68
CA PHE B 167 -10.30 -6.15 -9.32
C PHE B 167 -11.68 -6.68 -8.86
N SER B 168 -12.22 -7.65 -9.59
CA SER B 168 -13.59 -8.13 -9.37
C SER B 168 -13.72 -9.01 -8.15
N GLU B 169 -12.63 -9.58 -7.62
CA GLU B 169 -12.76 -10.31 -6.35
C GLU B 169 -13.11 -9.39 -5.17
N LEU B 170 -12.77 -8.10 -5.25
CA LEU B 170 -13.02 -7.23 -4.12
C LEU B 170 -14.52 -6.96 -3.99
N ARG B 171 -15.02 -7.14 -2.80
CA ARG B 171 -16.48 -7.10 -2.60
C ARG B 171 -16.88 -5.68 -2.74
N PRO B 172 -18.12 -5.44 -3.22
CA PRO B 172 -18.57 -4.12 -3.52
C PRO B 172 -18.66 -3.18 -2.34
N LYS B 173 -18.68 -1.88 -2.66
CA LYS B 173 -18.72 -0.81 -1.68
C LYS B 173 -19.99 -0.99 -0.86
N GLY B 174 -19.88 -0.98 0.46
CA GLY B 174 -21.04 -1.20 1.35
C GLY B 174 -21.15 -2.59 1.90
N SER B 175 -20.46 -3.55 1.29
CA SER B 175 -20.58 -4.95 1.66
C SER B 175 -20.21 -5.16 3.12
N PHE B 176 -20.72 -6.22 3.74
CA PHE B 176 -20.42 -6.44 5.14
C PHE B 176 -19.00 -6.95 5.20
N VAL B 177 -18.26 -6.44 6.15
CA VAL B 177 -16.96 -7.00 6.52
C VAL B 177 -17.08 -7.66 7.90
N ALA B 178 -17.12 -8.99 7.90
CA ALA B 178 -17.44 -9.74 9.10
C ALA B 178 -16.43 -9.43 10.18
N GLY B 179 -15.18 -9.25 9.78
CA GLY B 179 -14.09 -9.10 10.74
C GLY B 179 -14.19 -7.87 11.59
N THR B 180 -14.78 -6.81 11.06
CA THR B 180 -14.88 -5.54 11.76
C THR B 180 -16.33 -5.11 11.99
N HIS B 181 -17.29 -5.91 11.50
CA HIS B 181 -18.70 -5.48 11.32
C HIS B 181 -18.84 -4.21 10.50
N GLY B 182 -17.94 -3.99 9.55
CA GLY B 182 -17.87 -2.68 8.88
C GLY B 182 -18.47 -2.75 7.50
N LYS B 183 -18.26 -1.68 6.72
CA LYS B 183 -18.73 -1.66 5.35
C LYS B 183 -17.50 -1.56 4.43
N ALA B 184 -17.45 -2.41 3.41
CA ALA B 184 -16.27 -2.44 2.52
C ALA B 184 -16.18 -1.16 1.72
N SER B 185 -14.96 -0.74 1.40
CA SER B 185 -14.75 0.46 0.60
C SER B 185 -15.00 0.23 -0.90
N GLY B 186 -14.85 -1.01 -1.37
CA GLY B 186 -15.07 -1.37 -2.76
C GLY B 186 -13.81 -1.30 -3.60
N PRO B 187 -13.82 -1.94 -4.79
CA PRO B 187 -12.62 -1.92 -5.65
C PRO B 187 -12.14 -0.58 -6.13
N VAL B 188 -13.02 0.32 -6.54
CA VAL B 188 -12.55 1.62 -7.01
C VAL B 188 -11.68 2.34 -5.96
N SER B 189 -12.16 2.42 -4.72
CA SER B 189 -11.41 3.08 -3.66
C SER B 189 -10.04 2.45 -3.43
N PHE B 190 -9.95 1.12 -3.45
CA PHE B 190 -8.67 0.44 -3.44
C PHE B 190 -7.73 0.67 -4.62
N MET B 191 -8.26 0.77 -5.83
CA MET B 191 -7.46 1.10 -7.01
C MET B 191 -6.74 2.45 -6.80
N HIS B 192 -7.37 3.37 -6.07
CA HIS B 192 -6.78 4.70 -5.71
C HIS B 192 -5.51 4.56 -4.89
N VAL B 193 -5.50 3.57 -4.02
CA VAL B 193 -4.33 3.26 -3.25
C VAL B 193 -3.22 2.69 -4.13
N PHE B 194 -3.56 1.79 -5.08
CA PHE B 194 -2.55 1.29 -6.06
C PHE B 194 -1.92 2.44 -6.84
N ASN B 195 -2.75 3.36 -7.25
CA ASN B 195 -2.30 4.56 -7.97
C ASN B 195 -1.37 5.46 -7.19
N SER B 196 -1.72 5.67 -5.92
CA SER B 196 -0.90 6.43 -4.99
C SER B 196 0.47 5.82 -4.81
N ALA B 197 0.54 4.50 -4.68
CA ALA B 197 1.78 3.77 -4.59
C ALA B 197 2.65 3.95 -5.80
N ILE B 198 2.04 3.91 -6.97
CA ILE B 198 2.79 3.96 -8.23
C ILE B 198 3.21 5.40 -8.58
N SER B 199 2.53 6.39 -7.98
CA SER B 199 3.01 7.78 -8.04
C SER B 199 4.42 8.02 -7.48
N VAL B 200 4.91 7.11 -6.63
CA VAL B 200 6.22 7.23 -6.02
C VAL B 200 7.24 6.15 -6.40
N VAL B 201 6.90 5.29 -7.35
CA VAL B 201 7.80 4.23 -7.78
C VAL B 201 7.89 4.32 -9.29
N LYS B 202 9.12 4.22 -9.82
CA LYS B 202 9.37 4.16 -11.24
C LYS B 202 10.73 3.53 -11.54
N GLN B 203 10.95 3.20 -12.81
CA GLN B 203 12.27 2.72 -13.22
C GLN B 203 13.08 3.97 -13.58
N GLY B 204 13.42 4.72 -12.52
CA GLY B 204 14.13 5.99 -12.67
C GLY B 204 13.55 6.82 -13.80
N SER B 205 14.45 7.45 -14.54
CA SER B 205 14.14 8.27 -15.70
C SER B 205 13.74 7.47 -16.95
N ARG B 206 13.84 6.16 -16.91
CA ARG B 206 13.59 5.41 -18.13
C ARG B 206 12.18 4.95 -18.41
N ARG B 207 11.41 4.65 -17.35
CA ARG B 207 10.09 4.03 -17.51
C ARG B 207 9.20 4.27 -16.25
N ARG B 208 8.19 5.13 -16.37
CA ARG B 208 7.16 5.27 -15.33
C ARG B 208 6.24 4.04 -15.25
N GLY B 209 5.41 3.97 -14.21
CA GLY B 209 4.54 2.80 -14.07
C GLY B 209 3.44 2.79 -15.12
N ALA B 210 2.92 1.64 -15.48
CA ALA B 210 1.83 1.56 -16.46
C ALA B 210 0.97 0.41 -16.01
N LEU B 211 -0.33 0.68 -15.77
CA LEU B 211 -1.15 -0.29 -15.05
C LEU B 211 -2.42 -0.57 -15.90
N MET B 212 -3.01 -1.73 -15.73
CA MET B 212 -4.36 -2.05 -16.23
C MET B 212 -5.22 -2.48 -15.03
N GLY B 213 -6.46 -1.96 -15.00
CA GLY B 213 -7.46 -2.35 -14.02
C GLY B 213 -8.70 -2.82 -14.74
N ILE B 214 -9.15 -4.04 -14.43
CA ILE B 214 -10.35 -4.59 -15.07
C ILE B 214 -11.36 -4.82 -13.95
N LEU B 215 -12.62 -4.54 -14.26
CA LEU B 215 -13.75 -4.91 -13.41
C LEU B 215 -14.85 -5.46 -14.34
N ASN B 216 -15.42 -6.57 -13.90
CA ASN B 216 -16.26 -7.41 -14.72
C ASN B 216 -17.62 -6.77 -14.81
N ILE B 217 -18.24 -6.90 -15.98
CA ILE B 217 -19.53 -6.25 -16.34
C ILE B 217 -20.67 -6.46 -15.30
N ASN B 218 -20.63 -7.58 -14.63
CA ASN B 218 -21.68 -7.92 -13.64
C ASN B 218 -21.33 -7.60 -12.19
N HIS B 219 -20.23 -6.87 -11.94
CA HIS B 219 -19.88 -6.51 -10.58
C HIS B 219 -20.80 -5.41 -10.10
N PRO B 220 -21.26 -5.48 -8.83
CA PRO B 220 -22.17 -4.40 -8.40
C PRO B 220 -21.68 -2.95 -8.45
N ASP B 221 -20.36 -2.73 -8.49
CA ASP B 221 -19.77 -1.39 -8.59
C ASP B 221 -19.36 -1.06 -10.04
N ILE B 222 -19.89 -1.77 -11.03
CA ILE B 222 -19.50 -1.54 -12.44
C ILE B 222 -19.80 -0.13 -12.89
N GLU B 223 -20.93 0.45 -12.49
CA GLU B 223 -21.23 1.82 -12.92
C GLU B 223 -20.26 2.87 -12.39
N GLU B 224 -19.89 2.78 -11.14
CA GLU B 224 -18.90 3.68 -10.56
C GLU B 224 -17.52 3.53 -11.30
N PHE B 225 -17.17 2.28 -11.59
CA PHE B 225 -15.95 1.91 -12.34
C PHE B 225 -15.93 2.53 -13.73
N ILE B 226 -17.03 2.37 -14.46
CA ILE B 226 -17.16 2.97 -15.76
C ILE B 226 -16.94 4.52 -15.74
N ASP B 227 -17.36 5.22 -14.68
CA ASP B 227 -17.15 6.68 -14.53
C ASP B 227 -15.92 7.09 -13.70
N ALA B 228 -15.07 6.14 -13.33
CA ALA B 228 -13.98 6.39 -12.37
C ALA B 228 -12.96 7.44 -12.85
N LYS B 229 -12.83 7.58 -14.17
CA LYS B 229 -11.86 8.49 -14.81
C LYS B 229 -12.62 9.58 -15.51
N LYS B 230 -13.26 10.45 -14.75
CA LYS B 230 -14.17 11.46 -15.29
C LYS B 230 -14.57 12.34 -14.11
N VAL B 237 -5.53 11.14 -9.78
CA VAL B 237 -6.73 10.25 -9.64
C VAL B 237 -6.40 8.74 -9.82
N LEU B 238 -6.53 8.31 -11.08
CA LEU B 238 -6.23 6.97 -11.54
C LEU B 238 -5.34 7.14 -12.76
N ASN B 239 -4.47 8.12 -12.73
CA ASN B 239 -3.67 8.47 -13.92
C ASN B 239 -2.69 7.41 -14.40
N PHE B 240 -2.26 6.49 -13.55
CA PHE B 240 -1.40 5.38 -14.00
C PHE B 240 -2.15 4.17 -14.57
N PHE B 241 -3.49 4.17 -14.47
CA PHE B 241 -4.32 3.05 -14.92
C PHE B 241 -4.94 3.34 -16.27
N ASN B 242 -4.94 2.32 -17.11
CA ASN B 242 -5.92 2.16 -18.14
C ASN B 242 -6.99 1.26 -17.48
N LEU B 243 -8.25 1.47 -17.84
CA LEU B 243 -9.36 0.65 -17.32
C LEU B 243 -10.14 0.00 -18.48
N SER B 244 -10.48 -1.26 -18.33
CA SER B 244 -11.37 -1.95 -19.24
C SER B 244 -12.42 -2.74 -18.47
N VAL B 245 -13.60 -2.83 -19.08
CA VAL B 245 -14.65 -3.67 -18.55
C VAL B 245 -14.42 -5.11 -19.00
N GLY B 246 -14.45 -6.00 -18.04
CA GLY B 246 -14.29 -7.42 -18.26
C GLY B 246 -15.59 -8.12 -18.61
N PHE B 247 -15.54 -8.97 -19.64
CA PHE B 247 -16.66 -9.86 -20.08
C PHE B 247 -16.20 -11.30 -20.07
N PRO B 248 -16.34 -11.97 -18.93
CA PRO B 248 -15.96 -13.34 -18.74
C PRO B 248 -16.78 -14.41 -19.46
N MET B 249 -18.04 -14.07 -19.73
CA MET B 249 -18.95 -14.86 -20.52
C MET B 249 -18.66 -14.80 -22.04
N ASP B 250 -19.26 -15.74 -22.78
CA ASP B 250 -19.17 -15.75 -24.26
C ASP B 250 -19.62 -14.46 -24.87
N LYS B 251 -18.89 -14.01 -25.89
CA LYS B 251 -19.27 -12.82 -26.60
C LYS B 251 -20.71 -12.93 -27.17
N LYS B 252 -21.06 -14.14 -27.57
CA LYS B 252 -22.37 -14.43 -28.25
C LYS B 252 -23.53 -14.23 -27.32
N GLU B 253 -23.29 -14.65 -26.08
CA GLU B 253 -24.26 -14.56 -25.00
C GLU B 253 -24.55 -13.11 -24.62
N ILE B 254 -23.51 -12.30 -24.59
CA ILE B 254 -23.68 -10.91 -24.33
C ILE B 254 -24.28 -10.15 -25.52
N LEU B 255 -23.95 -10.53 -26.75
CA LEU B 255 -24.55 -9.91 -27.91
C LEU B 255 -26.07 -10.22 -28.00
N LYS B 256 -26.42 -11.45 -27.69
CA LYS B 256 -27.82 -11.91 -27.67
C LYS B 256 -28.63 -11.15 -26.60
N LEU B 257 -28.04 -11.03 -25.41
CA LEU B 257 -28.65 -10.24 -24.34
C LEU B 257 -28.94 -8.85 -24.80
N TYR B 258 -28.01 -8.23 -25.54
CA TYR B 258 -28.18 -6.86 -25.97
C TYR B 258 -29.32 -6.78 -27.00
N GLU B 259 -29.36 -7.74 -27.91
CA GLU B 259 -30.25 -7.71 -29.07
C GLU B 259 -31.69 -7.95 -28.58
N GLU B 260 -31.81 -8.69 -27.49
CA GLU B 260 -33.07 -9.03 -26.84
C GLU B 260 -33.45 -8.04 -25.74
N ASP B 261 -32.69 -6.95 -25.65
CA ASP B 261 -32.91 -5.93 -24.62
C ASP B 261 -33.00 -6.53 -23.22
N GLY B 262 -32.18 -7.51 -22.93
CA GLY B 262 -32.20 -8.17 -21.63
C GLY B 262 -31.61 -7.42 -20.45
N GLU B 263 -31.68 -8.11 -19.31
CA GLU B 263 -31.19 -7.62 -18.05
C GLU B 263 -29.99 -8.40 -17.56
N LEU B 264 -29.09 -7.70 -16.90
CA LEU B 264 -27.94 -8.32 -16.32
C LEU B 264 -28.06 -8.17 -14.84
N GLU B 265 -27.92 -9.30 -14.16
CA GLU B 265 -27.84 -9.34 -12.73
C GLU B 265 -26.41 -9.00 -12.21
N LEU B 266 -26.30 -7.88 -11.51
CA LEU B 266 -25.07 -7.51 -10.77
C LEU B 266 -25.05 -8.12 -9.39
N SER B 267 -24.10 -9.01 -9.14
CA SER B 267 -23.99 -9.68 -7.86
C SER B 267 -22.54 -9.99 -7.54
N HIS B 268 -22.31 -10.39 -6.30
CA HIS B 268 -20.98 -10.78 -5.87
C HIS B 268 -21.12 -11.85 -4.80
N PRO B 269 -20.26 -12.87 -4.87
CA PRO B 269 -20.28 -13.99 -3.91
C PRO B 269 -20.09 -13.66 -2.42
N ARG B 270 -19.54 -12.49 -2.07
CA ARG B 270 -19.29 -12.16 -0.65
C ARG B 270 -19.94 -10.82 -0.32
N SER B 271 -21.08 -10.57 -0.98
CA SER B 271 -21.94 -9.41 -0.73
C SER B 271 -23.41 -9.83 -0.85
N THR B 272 -24.26 -9.13 -0.12
CA THR B 272 -25.73 -9.24 -0.25
C THR B 272 -26.19 -8.27 -1.31
N ILE B 273 -25.32 -7.32 -1.68
CA ILE B 273 -25.66 -6.31 -2.69
C ILE B 273 -25.92 -6.97 -4.09
N ARG B 274 -27.17 -6.83 -4.54
CA ARG B 274 -27.65 -7.33 -5.82
C ARG B 274 -28.41 -6.23 -6.54
N LYS B 275 -28.52 -6.33 -7.85
CA LYS B 275 -29.17 -5.27 -8.62
C LYS B 275 -29.33 -5.73 -10.05
N LYS B 276 -30.32 -5.17 -10.75
CA LYS B 276 -30.56 -5.51 -12.13
C LYS B 276 -30.44 -4.27 -12.93
N VAL B 277 -29.80 -4.40 -14.09
CA VAL B 277 -29.62 -3.30 -14.99
C VAL B 277 -29.80 -3.86 -16.38
N LYS B 278 -30.37 -3.04 -17.24
CA LYS B 278 -30.51 -3.33 -18.64
C LYS B 278 -29.10 -3.25 -19.30
N ILE B 279 -28.68 -4.35 -19.92
CA ILE B 279 -27.36 -4.37 -20.63
C ILE B 279 -27.22 -3.25 -21.63
N ARG B 280 -28.29 -2.85 -22.33
CA ARG B 280 -28.18 -1.71 -23.23
C ARG B 280 -27.78 -0.38 -22.53
N GLU B 281 -28.27 -0.18 -21.33
CA GLU B 281 -28.01 1.02 -20.54
C GLU B 281 -26.53 1.03 -20.12
N LEU B 282 -26.07 -0.11 -19.62
CA LEU B 282 -24.67 -0.29 -19.22
C LEU B 282 -23.79 0.01 -20.42
N PHE B 283 -24.04 -0.65 -21.55
CA PHE B 283 -23.28 -0.38 -22.80
C PHE B 283 -23.30 1.07 -23.16
N ARG B 284 -24.45 1.72 -23.05
CA ARG B 284 -24.48 3.13 -23.42
C ARG B 284 -23.61 3.98 -22.48
N LYS B 285 -23.54 3.58 -21.22
CA LYS B 285 -22.77 4.33 -20.22
C LYS B 285 -21.28 4.19 -20.59
N ILE B 286 -20.86 2.97 -20.90
CA ILE B 286 -19.48 2.70 -21.38
C ILE B 286 -19.22 3.54 -22.62
N ALA B 287 -20.09 3.47 -23.64
CA ALA B 287 -19.86 4.16 -24.86
C ALA B 287 -19.79 5.68 -24.66
N THR B 288 -20.56 6.19 -23.71
CA THR B 288 -20.62 7.61 -23.44
C THR B 288 -19.29 8.09 -22.84
N ASN B 289 -18.75 7.34 -21.91
CA ASN B 289 -17.48 7.71 -21.26
C ASN B 289 -16.31 7.59 -22.23
N ALA B 290 -16.32 6.53 -23.03
CA ALA B 290 -15.31 6.31 -24.07
C ALA B 290 -15.30 7.43 -25.09
N TRP B 291 -16.49 7.85 -25.49
CA TRP B 291 -16.67 8.96 -26.39
C TRP B 291 -16.05 10.25 -25.86
N LYS B 292 -16.16 10.47 -24.55
CA LYS B 292 -15.62 11.65 -23.86
C LYS B 292 -14.11 11.58 -23.66
N SER B 293 -13.62 10.43 -23.21
CA SER B 293 -12.29 10.33 -22.63
C SER B 293 -11.47 9.13 -23.07
N GLY B 294 -12.06 8.21 -23.82
CA GLY B 294 -11.33 7.06 -24.29
C GLY B 294 -11.28 5.85 -23.39
N ASP B 295 -11.69 5.98 -22.14
CA ASP B 295 -11.83 4.86 -21.23
C ASP B 295 -13.32 4.71 -20.84
N PRO B 296 -13.74 3.51 -20.43
CA PRO B 296 -12.94 2.27 -20.41
C PRO B 296 -13.06 1.49 -21.70
N GLY B 297 -12.07 0.63 -21.95
CA GLY B 297 -12.19 -0.31 -23.06
C GLY B 297 -12.97 -1.53 -22.69
N LEU B 298 -13.06 -2.49 -23.62
CA LEU B 298 -13.69 -3.81 -23.37
C LEU B 298 -12.64 -4.92 -23.44
N ALA B 299 -12.69 -5.85 -22.48
CA ALA B 299 -11.86 -7.04 -22.45
C ALA B 299 -12.73 -8.30 -22.54
N PHE B 300 -12.65 -8.98 -23.69
CA PHE B 300 -13.42 -10.20 -23.94
C PHE B 300 -12.71 -11.41 -23.37
N LEU B 301 -12.75 -11.51 -22.04
CA LEU B 301 -12.04 -12.55 -21.29
C LEU B 301 -12.51 -13.94 -21.61
N GLY B 302 -13.84 -14.09 -21.82
CA GLY B 302 -14.40 -15.34 -22.31
C GLY B 302 -13.76 -15.75 -23.63
N GLU B 303 -13.61 -14.83 -24.57
CA GLU B 303 -13.01 -15.16 -25.87
C GLU B 303 -11.53 -15.58 -25.73
N MET B 304 -10.82 -14.99 -24.74
CA MET B 304 -9.42 -15.36 -24.47
C MET B 304 -9.36 -16.79 -23.95
N ASN B 305 -10.23 -17.10 -23.00
CA ASN B 305 -10.24 -18.46 -22.43
C ASN B 305 -10.67 -19.55 -23.41
N LYS B 306 -11.59 -19.23 -24.34
CA LYS B 306 -11.96 -20.10 -25.49
C LYS B 306 -10.74 -20.67 -26.22
N TYR B 307 -9.72 -19.82 -26.40
CA TYR B 307 -8.48 -20.21 -27.07
C TYR B 307 -7.26 -20.40 -26.18
N TYR B 308 -7.45 -20.42 -24.86
CA TYR B 308 -6.37 -20.62 -23.88
C TYR B 308 -6.13 -22.10 -23.70
N PRO B 309 -4.94 -22.60 -24.04
CA PRO B 309 -4.77 -24.04 -24.00
C PRO B 309 -4.86 -24.68 -22.63
N LEU B 310 -4.76 -23.90 -21.56
CA LEU B 310 -4.82 -24.48 -20.22
C LEU B 310 -6.14 -24.25 -19.49
N TYR B 311 -7.13 -23.74 -20.20
CA TYR B 311 -8.43 -23.50 -19.56
C TYR B 311 -9.21 -24.81 -19.64
N PRO B 312 -10.01 -25.13 -18.60
CA PRO B 312 -10.32 -24.28 -17.44
C PRO B 312 -9.53 -24.53 -16.17
N HIS B 313 -8.51 -25.35 -16.18
CA HIS B 313 -7.74 -25.47 -14.94
C HIS B 313 -6.81 -24.27 -14.65
N ARG B 314 -6.51 -23.46 -15.66
CA ARG B 314 -6.04 -22.09 -15.39
C ARG B 314 -6.93 -21.20 -16.14
N LYS B 315 -6.98 -19.95 -15.71
CA LYS B 315 -7.91 -19.01 -16.26
C LYS B 315 -7.23 -17.69 -16.49
N ILE B 316 -7.50 -17.08 -17.63
CA ILE B 316 -7.22 -15.68 -17.91
C ILE B 316 -8.32 -14.73 -17.31
N ASN B 317 -7.90 -13.92 -16.32
CA ASN B 317 -8.75 -12.93 -15.66
C ASN B 317 -8.42 -11.49 -16.05
N SER B 318 -7.25 -11.28 -16.64
CA SER B 318 -6.81 -9.91 -16.91
C SER B 318 -5.79 -9.88 -18.08
N THR B 319 -5.65 -8.71 -18.67
CA THR B 319 -4.56 -8.43 -19.55
C THR B 319 -3.53 -7.51 -18.84
N ASN B 320 -2.36 -7.35 -19.49
CA ASN B 320 -1.41 -6.32 -19.17
C ASN B 320 -1.91 -4.95 -19.69
N PRO B 321 -1.20 -3.84 -19.40
CA PRO B 321 -1.66 -2.46 -19.70
C PRO B 321 -2.23 -2.13 -21.05
N CYS B 322 -1.66 -2.64 -22.13
CA CYS B 322 -2.19 -2.28 -23.45
C CYS B 322 -3.06 -3.37 -24.07
N GLY B 323 -3.35 -4.43 -23.29
CA GLY B 323 -4.33 -5.43 -23.69
C GLY B 323 -3.87 -6.64 -24.48
N GLU B 324 -2.59 -6.62 -24.89
CA GLU B 324 -2.14 -7.51 -25.93
C GLU B 324 -1.89 -8.93 -25.50
N ILE B 325 -1.68 -9.14 -24.19
CA ILE B 325 -1.55 -10.47 -23.69
C ILE B 325 -2.57 -10.68 -22.58
N GLY B 326 -3.33 -11.76 -22.71
CA GLY B 326 -4.12 -12.28 -21.62
C GLY B 326 -3.33 -13.27 -20.81
N LEU B 327 -3.30 -13.09 -19.51
CA LEU B 327 -2.32 -13.76 -18.67
C LEU B 327 -3.08 -14.36 -17.52
N SER B 328 -2.73 -15.58 -17.15
CA SER B 328 -3.20 -16.14 -15.91
C SER B 328 -2.51 -15.52 -14.69
N ASP B 329 -3.00 -15.81 -13.49
CA ASP B 329 -2.48 -15.15 -12.29
C ASP B 329 -0.99 -15.45 -12.12
N TYR B 330 -0.20 -14.41 -11.87
CA TYR B 330 1.25 -14.45 -11.68
C TYR B 330 2.03 -14.71 -12.97
N GLU B 331 1.33 -14.82 -14.09
CA GLU B 331 2.00 -14.99 -15.37
C GLU B 331 2.59 -13.70 -15.92
N ALA B 332 3.73 -13.82 -16.59
CA ALA B 332 4.35 -12.72 -17.30
C ALA B 332 4.68 -13.18 -18.71
N CYS B 333 4.98 -12.24 -19.59
CA CYS B 333 5.30 -12.57 -20.99
C CYS B 333 6.25 -11.57 -21.55
N ASN B 334 7.24 -12.10 -22.28
CA ASN B 334 8.17 -11.26 -23.01
C ASN B 334 7.82 -11.19 -24.51
N LEU B 335 7.97 -10.00 -25.04
CA LEU B 335 7.60 -9.65 -26.42
C LEU B 335 8.81 -9.30 -27.28
N GLY B 336 8.59 -9.38 -28.60
CA GLY B 336 9.49 -8.94 -29.62
C GLY B 336 8.79 -8.83 -30.95
N SER B 337 9.28 -7.92 -31.82
CA SER B 337 8.59 -7.63 -33.08
C SER B 337 9.50 -7.62 -34.32
N ILE B 338 9.01 -8.23 -35.39
CA ILE B 338 9.62 -8.17 -36.74
C ILE B 338 9.14 -6.91 -37.50
N ASP B 339 10.06 -6.17 -38.13
CA ASP B 339 9.71 -5.07 -38.98
C ASP B 339 9.45 -5.61 -40.37
N VAL B 340 8.19 -5.90 -40.66
CA VAL B 340 7.89 -6.48 -41.91
C VAL B 340 8.11 -5.54 -43.09
N ALA B 341 8.22 -4.24 -42.87
CA ALA B 341 8.51 -3.29 -43.95
C ALA B 341 9.89 -3.56 -44.60
N LYS B 342 10.83 -4.08 -43.79
CA LYS B 342 12.16 -4.47 -44.29
C LYS B 342 12.16 -5.76 -45.17
N PHE B 343 11.02 -6.45 -45.27
CA PHE B 343 10.84 -7.65 -46.08
C PHE B 343 10.16 -7.45 -47.46
N TYR B 344 9.92 -6.20 -47.82
CA TYR B 344 9.43 -5.80 -49.15
C TYR B 344 10.54 -6.04 -50.18
N ASN B 345 10.22 -6.72 -51.27
CA ASN B 345 11.19 -6.99 -52.34
C ASN B 345 10.43 -7.02 -53.67
N ASN B 346 10.56 -5.95 -54.45
CA ASN B 346 10.06 -5.94 -55.83
C ASN B 346 8.59 -6.40 -56.02
N GLY B 347 7.71 -5.90 -55.16
CA GLY B 347 6.26 -6.06 -55.32
C GLY B 347 5.69 -7.12 -54.43
N PHE B 348 6.56 -7.81 -53.68
CA PHE B 348 6.16 -8.92 -52.80
C PHE B 348 6.90 -8.88 -51.45
N VAL B 349 6.36 -9.64 -50.49
CA VAL B 349 7.03 -9.93 -49.20
C VAL B 349 7.92 -11.11 -49.47
N ASP B 350 9.16 -11.03 -48.98
CA ASP B 350 10.12 -12.07 -49.20
C ASP B 350 9.87 -13.09 -48.10
N LEU B 351 9.03 -14.06 -48.43
CA LEU B 351 8.67 -15.12 -47.47
C LEU B 351 9.80 -16.10 -47.16
N GLU B 352 10.76 -16.25 -48.08
CA GLU B 352 11.92 -17.09 -47.80
C GLU B 352 12.68 -16.57 -46.59
N ALA B 353 13.00 -15.29 -46.60
CA ALA B 353 13.78 -14.71 -45.55
C ALA B 353 12.91 -14.59 -44.28
N LEU B 354 11.64 -14.28 -44.47
CA LEU B 354 10.73 -14.10 -43.32
C LEU B 354 10.62 -15.36 -42.53
N GLN B 355 10.46 -16.51 -43.20
CA GLN B 355 10.33 -17.78 -42.49
C GLN B 355 11.59 -18.00 -41.63
N GLU B 356 12.74 -17.74 -42.21
CA GLU B 356 14.02 -17.84 -41.45
C GLU B 356 14.03 -16.92 -40.22
N LEU B 357 13.59 -15.66 -40.34
CA LEU B 357 13.60 -14.77 -39.17
C LEU B 357 12.58 -15.23 -38.10
N VAL B 358 11.43 -15.74 -38.52
CA VAL B 358 10.45 -16.20 -37.54
C VAL B 358 11.03 -17.32 -36.69
N GLN B 359 11.82 -18.19 -37.34
CA GLN B 359 12.45 -19.31 -36.61
C GLN B 359 13.50 -18.80 -35.58
N ILE B 360 14.25 -17.79 -35.97
CA ILE B 360 15.27 -17.17 -35.11
C ILE B 360 14.61 -16.43 -33.98
N ALA B 361 13.58 -15.66 -34.33
CA ALA B 361 12.85 -14.84 -33.37
C ALA B 361 12.24 -15.64 -32.25
N VAL B 362 11.63 -16.78 -32.59
CA VAL B 362 11.00 -17.66 -31.59
C VAL B 362 12.04 -18.22 -30.64
N ARG B 363 13.14 -18.72 -31.17
CA ARG B 363 14.23 -19.11 -30.29
C ARG B 363 14.76 -18.00 -29.37
N PHE B 364 14.96 -16.81 -29.89
CA PHE B 364 15.40 -15.67 -29.12
C PHE B 364 14.44 -15.40 -27.96
N LEU B 365 13.14 -15.33 -28.25
CA LEU B 365 12.16 -15.04 -27.18
C LEU B 365 12.09 -16.12 -26.14
N ASP B 366 12.14 -17.36 -26.61
CA ASP B 366 12.22 -18.50 -25.70
C ASP B 366 13.48 -18.49 -24.80
N ASN B 367 14.60 -18.11 -25.38
CA ASN B 367 15.87 -17.94 -24.61
C ASN B 367 15.80 -16.85 -23.56
N VAL B 368 15.10 -15.74 -23.84
CA VAL B 368 14.94 -14.66 -22.88
C VAL B 368 14.36 -15.16 -21.56
N ILE B 369 13.42 -16.11 -21.62
CA ILE B 369 12.82 -16.72 -20.42
C ILE B 369 13.93 -17.22 -19.51
N ASP B 370 14.86 -17.99 -20.09
CA ASP B 370 16.01 -18.54 -19.31
C ASP B 370 17.01 -17.57 -18.69
N VAL B 371 17.20 -16.34 -19.21
CA VAL B 371 18.08 -15.39 -18.61
C VAL B 371 17.36 -14.23 -17.86
N ASN B 372 16.04 -14.28 -17.87
CA ASN B 372 15.16 -13.34 -17.16
C ASN B 372 15.12 -13.66 -15.67
N VAL B 373 15.06 -12.61 -14.85
CA VAL B 373 15.00 -12.72 -13.40
C VAL B 373 13.80 -11.90 -12.94
N PHE B 374 12.83 -12.52 -12.26
CA PHE B 374 11.68 -11.78 -11.76
C PHE B 374 11.79 -11.47 -10.25
N PRO B 375 11.03 -10.45 -9.77
CA PRO B 375 11.09 -10.05 -8.38
C PRO B 375 10.25 -10.85 -7.43
N ILE B 376 9.46 -11.78 -7.93
CA ILE B 376 8.52 -12.53 -7.11
C ILE B 376 8.59 -13.98 -7.57
N ASP B 377 8.77 -14.90 -6.64
CA ASP B 377 8.92 -16.33 -7.00
C ASP B 377 7.70 -16.94 -7.73
N LYS B 378 6.50 -16.50 -7.37
CA LYS B 378 5.31 -17.06 -7.99
C LYS B 378 5.32 -16.82 -9.49
N ILE B 379 5.87 -15.68 -9.89
CA ILE B 379 5.98 -15.34 -11.31
C ILE B 379 7.03 -16.18 -12.02
N THR B 380 8.18 -16.37 -11.38
CA THR B 380 9.17 -17.24 -11.97
C THR B 380 8.58 -18.62 -12.28
N LYS B 381 7.79 -19.13 -11.36
CA LYS B 381 7.16 -20.44 -11.47
C LYS B 381 6.15 -20.50 -12.61
N ALA B 382 5.27 -19.51 -12.70
CA ALA B 382 4.24 -19.49 -13.73
C ALA B 382 4.83 -19.37 -15.12
N VAL B 383 5.89 -18.60 -15.28
CA VAL B 383 6.56 -18.44 -16.58
C VAL B 383 7.24 -19.76 -17.00
N LYS B 384 7.97 -20.38 -16.08
CA LYS B 384 8.65 -21.62 -16.35
C LYS B 384 7.72 -22.77 -16.78
N GLU B 385 6.54 -22.80 -16.20
CA GLU B 385 5.56 -23.83 -16.51
C GLU B 385 4.86 -23.72 -17.86
N SER B 386 4.69 -22.48 -18.34
CA SER B 386 3.94 -22.17 -19.58
C SER B 386 4.80 -21.67 -20.75
N ARG B 387 5.83 -20.85 -20.49
CA ARG B 387 6.74 -20.32 -21.52
C ARG B 387 5.99 -19.64 -22.64
N ARG B 388 5.00 -18.82 -22.28
CA ARG B 388 4.27 -17.99 -23.25
C ARG B 388 5.16 -16.93 -23.85
N LEU B 389 5.07 -16.75 -25.16
CA LEU B 389 5.88 -15.74 -25.83
C LEU B 389 4.94 -14.79 -26.54
N GLY B 390 5.44 -13.61 -26.86
CA GLY B 390 4.72 -12.68 -27.69
C GLY B 390 5.48 -12.11 -28.89
N LEU B 391 5.58 -12.93 -29.93
CA LEU B 391 6.13 -12.53 -31.22
C LEU B 391 5.11 -11.78 -32.03
N GLY B 392 5.43 -10.56 -32.44
CA GLY B 392 4.56 -9.81 -33.32
C GLY B 392 5.29 -9.13 -34.45
N ILE B 393 4.64 -8.12 -35.04
CA ILE B 393 5.16 -7.40 -36.18
C ILE B 393 5.01 -5.90 -35.94
N MET B 394 5.83 -5.14 -36.62
CA MET B 394 5.69 -3.73 -36.69
C MET B 394 5.97 -3.40 -38.14
N GLY B 395 5.82 -2.15 -38.58
CA GLY B 395 6.11 -1.83 -39.95
C GLY B 395 5.01 -2.17 -40.94
N PHE B 396 3.87 -2.62 -40.43
CA PHE B 396 2.84 -3.13 -41.32
C PHE B 396 2.33 -2.06 -42.26
N ALA B 397 2.03 -0.87 -41.76
CA ALA B 397 1.42 0.20 -42.57
C ALA B 397 2.39 0.67 -43.65
N ASP B 398 3.66 0.70 -43.28
CA ASP B 398 4.72 1.11 -44.24
C ASP B 398 4.93 0.04 -45.29
N LEU B 399 4.74 -1.22 -44.93
CA LEU B 399 4.77 -2.29 -45.91
C LEU B 399 3.67 -2.12 -46.94
N LEU B 400 2.45 -1.82 -46.46
CA LEU B 400 1.36 -1.59 -47.39
C LEU B 400 1.62 -0.41 -48.34
N TYR B 401 2.22 0.66 -47.80
CA TYR B 401 2.65 1.75 -48.64
C TYR B 401 3.56 1.27 -49.78
N LYS B 402 4.55 0.43 -49.47
CA LYS B 402 5.48 -0.10 -50.46
C LYS B 402 4.79 -0.97 -51.52
N LEU B 403 3.90 -1.85 -51.05
CA LEU B 403 3.07 -2.70 -51.94
C LEU B 403 1.91 -1.95 -52.67
N GLU B 404 1.77 -0.65 -52.43
CA GLU B 404 0.68 0.16 -53.04
C GLU B 404 -0.71 -0.38 -52.74
N ILE B 405 -0.91 -0.74 -51.48
CA ILE B 405 -2.18 -1.24 -50.97
C ILE B 405 -2.76 -0.24 -49.94
N PRO B 406 -4.00 0.22 -50.18
CA PRO B 406 -4.65 1.07 -49.18
C PRO B 406 -5.06 0.30 -47.93
N TYR B 407 -4.79 0.86 -46.78
CA TYR B 407 -5.03 0.13 -45.54
C TYR B 407 -6.51 -0.19 -45.36
N ASN B 408 -7.34 0.77 -45.79
CA ASN B 408 -8.81 0.65 -45.72
C ASN B 408 -9.38 -0.04 -46.95
N SER B 409 -9.07 -1.35 -47.12
CA SER B 409 -9.52 -2.10 -48.28
C SER B 409 -9.53 -3.54 -47.93
N GLN B 410 -10.41 -4.31 -48.56
CA GLN B 410 -10.41 -5.75 -48.37
C GLN B 410 -9.09 -6.39 -48.83
N GLU B 411 -8.47 -5.81 -49.88
CA GLU B 411 -7.18 -6.28 -50.33
C GLU B 411 -6.19 -6.32 -49.14
N ALA B 412 -6.15 -5.22 -48.38
CA ALA B 412 -5.24 -5.07 -47.21
C ALA B 412 -5.48 -6.08 -46.14
N ARG B 413 -6.76 -6.31 -45.87
CA ARG B 413 -7.17 -7.24 -44.86
C ARG B 413 -6.91 -8.71 -45.25
N ASP B 414 -7.12 -9.07 -46.51
CA ASP B 414 -6.79 -10.43 -46.97
C ASP B 414 -5.26 -10.60 -46.94
N PHE B 415 -4.50 -9.57 -47.27
CA PHE B 415 -3.03 -9.61 -47.18
C PHE B 415 -2.59 -9.79 -45.74
N ALA B 416 -3.20 -9.04 -44.83
CA ALA B 416 -2.86 -9.14 -43.40
C ALA B 416 -3.13 -10.53 -42.85
N ALA B 417 -4.26 -11.11 -43.18
CA ALA B 417 -4.63 -12.43 -42.67
C ALA B 417 -3.63 -13.46 -43.16
N ASN B 418 -3.26 -13.34 -44.42
CA ASN B 418 -2.40 -14.33 -45.03
C ASN B 418 -0.97 -14.24 -44.47
N LEU B 419 -0.53 -13.01 -44.25
CA LEU B 419 0.81 -12.76 -43.68
C LEU B 419 0.90 -13.25 -42.24
N MET B 420 -0.10 -12.87 -41.42
CA MET B 420 -0.18 -13.33 -40.05
C MET B 420 -0.28 -14.85 -39.99
N ALA B 421 -1.09 -15.44 -40.89
CA ALA B 421 -1.19 -16.91 -40.97
C ALA B 421 0.14 -17.60 -41.25
N PHE B 422 0.91 -17.05 -42.18
CA PHE B 422 2.26 -17.56 -42.54
C PHE B 422 3.16 -17.50 -41.30
N ILE B 423 3.17 -16.36 -40.62
CA ILE B 423 3.96 -16.17 -39.42
C ILE B 423 3.55 -17.17 -38.35
N ALA B 424 2.25 -17.32 -38.13
CA ALA B 424 1.78 -18.21 -37.12
C ALA B 424 2.19 -19.65 -37.42
N LEU B 425 2.08 -20.10 -38.68
CA LEU B 425 2.46 -21.46 -39.07
C LEU B 425 3.90 -21.70 -38.69
N HIS B 426 4.78 -20.78 -39.08
CA HIS B 426 6.22 -20.97 -38.86
C HIS B 426 6.65 -20.81 -37.42
N ALA B 427 5.96 -19.98 -36.66
CA ALA B 427 6.25 -19.84 -35.23
C ALA B 427 5.91 -21.10 -34.51
N HIS B 428 4.72 -21.64 -34.78
CA HIS B 428 4.29 -22.87 -34.10
C HIS B 428 5.12 -24.08 -34.55
N ARG B 429 5.46 -24.15 -35.83
CA ARG B 429 6.40 -25.19 -36.30
C ARG B 429 7.71 -25.10 -35.51
N THR B 430 8.23 -23.88 -35.33
CA THR B 430 9.44 -23.66 -34.51
C THR B 430 9.25 -24.08 -33.06
N SER B 431 8.06 -23.89 -32.50
CA SER B 431 7.82 -24.30 -31.12
C SER B 431 7.86 -25.82 -30.98
N TYR B 432 7.34 -26.51 -32.01
CA TYR B 432 7.48 -27.99 -32.15
C TYR B 432 8.93 -28.43 -32.10
N GLU B 433 9.76 -27.80 -32.94
CA GLU B 433 11.18 -28.14 -33.07
C GLU B 433 11.91 -27.92 -31.75
N LEU B 434 11.65 -26.80 -31.10
CA LEU B 434 12.27 -26.51 -29.79
C LEU B 434 11.83 -27.41 -28.65
N GLY B 435 10.58 -27.85 -28.68
CA GLY B 435 10.09 -28.86 -27.73
C GLY B 435 10.84 -30.22 -27.87
N LYS B 436 11.06 -30.62 -29.12
CA LYS B 436 11.87 -31.82 -29.47
C LYS B 436 13.31 -31.61 -29.02
N GLU B 437 13.86 -30.45 -29.30
CA GLU B 437 15.25 -30.14 -28.97
C GLU B 437 15.53 -29.91 -27.48
N LYS B 438 14.71 -29.09 -26.81
CA LYS B 438 15.08 -28.61 -25.48
C LYS B 438 14.22 -29.16 -24.39
N GLY B 439 13.05 -29.67 -24.71
CA GLY B 439 12.05 -30.07 -23.71
C GLY B 439 10.73 -29.34 -23.94
N ASN B 440 9.61 -30.04 -23.72
CA ASN B 440 8.29 -29.40 -23.85
C ASN B 440 7.98 -28.49 -22.66
N PHE B 441 7.03 -27.57 -22.79
CA PHE B 441 6.70 -26.78 -21.61
C PHE B 441 6.09 -27.75 -20.61
N PRO B 442 6.40 -27.62 -19.32
CA PRO B 442 5.86 -28.52 -18.31
C PRO B 442 4.38 -28.85 -18.38
N LEU B 443 3.54 -27.90 -18.72
CA LEU B 443 2.10 -28.12 -18.69
C LEU B 443 1.50 -28.69 -20.00
N LEU B 444 2.34 -29.09 -20.99
CA LEU B 444 1.81 -29.57 -22.29
C LEU B 444 0.81 -30.68 -22.08
N GLU B 445 1.18 -31.61 -21.22
CA GLU B 445 0.41 -32.84 -20.94
C GLU B 445 -1.01 -32.53 -20.52
N ILE B 446 -1.19 -31.44 -19.76
CA ILE B 446 -2.54 -31.09 -19.30
C ILE B 446 -3.26 -30.06 -20.17
N SER B 447 -2.66 -29.69 -21.30
CA SER B 447 -3.18 -28.65 -22.15
C SER B 447 -4.04 -29.27 -23.21
N ARG B 448 -4.80 -28.44 -23.92
CA ARG B 448 -5.69 -28.87 -24.98
C ARG B 448 -4.98 -29.33 -26.24
N TYR B 449 -3.71 -28.96 -26.40
CA TYR B 449 -2.84 -29.53 -27.46
C TYR B 449 -2.72 -31.08 -27.32
N ARG B 450 -2.84 -31.55 -26.08
CA ARG B 450 -2.72 -32.99 -25.74
C ARG B 450 -4.03 -33.66 -25.53
N THR B 451 -4.91 -33.05 -24.74
CA THR B 451 -6.14 -33.70 -24.28
C THR B 451 -7.25 -33.57 -25.28
N GLU B 452 -6.99 -33.04 -26.44
CA GLU B 452 -8.07 -32.83 -27.36
C GLU B 452 -7.56 -33.05 -28.77
N ASP B 453 -8.50 -33.21 -29.70
CA ASP B 453 -8.16 -33.28 -31.09
C ASP B 453 -8.74 -32.02 -31.69
N ASN B 454 -8.04 -31.55 -32.70
CA ASN B 454 -8.42 -30.42 -33.49
C ASN B 454 -8.48 -29.10 -32.72
N PHE B 455 -7.75 -29.01 -31.61
CA PHE B 455 -7.60 -27.72 -30.92
C PHE B 455 -6.70 -26.80 -31.73
N VAL B 456 -7.19 -25.60 -32.01
CA VAL B 456 -6.41 -24.55 -32.66
C VAL B 456 -6.60 -23.25 -31.82
N PRO B 457 -5.49 -22.54 -31.46
CA PRO B 457 -5.60 -21.38 -30.54
C PRO B 457 -6.04 -20.05 -31.15
N PHE B 458 -6.70 -20.10 -32.31
CA PHE B 458 -7.27 -18.91 -32.95
C PHE B 458 -8.31 -19.34 -33.99
N ALA B 459 -9.09 -18.39 -34.46
CA ALA B 459 -10.25 -18.66 -35.29
C ALA B 459 -9.96 -19.07 -36.74
N MET B 460 -8.90 -18.53 -37.34
CA MET B 460 -8.58 -18.78 -38.74
C MET B 460 -9.73 -18.34 -39.65
N GLY B 461 -9.91 -18.98 -40.81
CA GLY B 461 -10.98 -18.65 -41.76
C GLY B 461 -10.70 -17.62 -42.82
N MET B 462 -9.47 -17.10 -42.91
CA MET B 462 -9.13 -16.11 -43.94
C MET B 462 -7.79 -16.35 -44.62
N SER B 463 -7.39 -17.62 -44.82
CA SER B 463 -6.13 -17.92 -45.49
C SER B 463 -6.12 -19.35 -46.02
N ASN B 464 -5.41 -19.56 -47.10
CA ASN B 464 -5.21 -20.93 -47.58
C ASN B 464 -4.17 -21.69 -46.82
N TYR B 465 -3.52 -21.06 -45.83
CA TYR B 465 -2.61 -21.76 -44.95
C TYR B 465 -3.32 -22.56 -43.89
N ASP B 466 -4.64 -22.47 -43.80
CA ASP B 466 -5.35 -23.04 -42.65
C ASP B 466 -5.13 -24.52 -42.49
N ASP B 467 -5.15 -25.30 -43.58
CA ASP B 467 -4.99 -26.76 -43.44
C ASP B 467 -3.58 -27.09 -42.95
N GLU B 468 -2.59 -26.38 -43.46
CA GLU B 468 -1.21 -26.60 -42.99
C GLU B 468 -1.08 -26.22 -41.52
N ILE B 469 -1.79 -25.17 -41.11
CA ILE B 469 -1.78 -24.77 -39.70
C ILE B 469 -2.39 -25.84 -38.83
N ARG B 470 -3.52 -26.40 -39.27
CA ARG B 470 -4.10 -27.55 -38.54
C ARG B 470 -3.21 -28.77 -38.35
N GLU B 471 -2.48 -29.15 -39.39
CA GLU B 471 -1.49 -30.25 -39.31
C GLU B 471 -0.46 -29.94 -38.25
N VAL B 472 0.08 -28.71 -38.24
CA VAL B 472 1.10 -28.34 -37.24
C VAL B 472 0.57 -28.43 -35.83
N MET B 473 -0.63 -27.92 -35.62
CA MET B 473 -1.20 -28.00 -34.29
C MET B 473 -1.34 -29.45 -33.83
N LYS B 474 -1.68 -30.35 -34.75
CA LYS B 474 -1.75 -31.76 -34.42
C LYS B 474 -0.38 -32.30 -34.04
N MET B 475 0.65 -31.88 -34.78
CA MET B 475 2.02 -32.31 -34.44
C MET B 475 2.44 -31.89 -33.04
N THR B 476 1.98 -30.71 -32.60
CA THR B 476 2.37 -30.21 -31.28
C THR B 476 1.66 -30.88 -30.11
N LYS B 477 0.74 -31.82 -30.38
CA LYS B 477 0.33 -32.78 -29.34
C LYS B 477 1.58 -33.45 -28.73
N GLU B 478 2.58 -33.76 -29.56
CA GLU B 478 3.79 -34.49 -29.11
C GLU B 478 4.95 -33.62 -28.58
N PHE B 479 5.29 -32.56 -29.31
CA PHE B 479 6.34 -31.66 -28.89
C PHE B 479 5.87 -30.21 -29.04
N ARG B 480 6.14 -29.41 -28.03
CA ARG B 480 5.75 -27.98 -28.01
C ARG B 480 6.46 -27.31 -26.86
N ARG B 481 7.25 -26.31 -27.20
CA ARG B 481 8.03 -25.55 -26.23
C ARG B 481 7.23 -24.49 -25.46
N ASN B 482 6.19 -23.94 -26.10
CA ASN B 482 5.53 -22.73 -25.62
C ASN B 482 4.04 -22.88 -25.66
N VAL B 483 3.35 -22.38 -24.65
CA VAL B 483 1.89 -22.45 -24.58
C VAL B 483 1.24 -21.62 -25.70
N ALA B 484 1.85 -20.48 -26.00
CA ALA B 484 1.34 -19.55 -27.03
C ALA B 484 2.50 -18.70 -27.43
N LEU B 485 2.45 -18.11 -28.63
CA LEU B 485 3.65 -17.52 -29.25
C LEU B 485 3.53 -16.11 -29.84
N LEU B 486 2.32 -15.62 -30.06
CA LEU B 486 2.09 -14.44 -30.92
C LEU B 486 1.24 -13.32 -30.32
N THR B 487 1.56 -12.11 -30.73
CA THR B 487 0.79 -10.93 -30.31
C THR B 487 0.98 -9.89 -31.37
N ILE B 488 0.25 -8.79 -31.29
CA ILE B 488 0.70 -7.54 -31.92
C ILE B 488 0.66 -6.46 -30.86
N ALA B 489 1.84 -5.90 -30.56
CA ALA B 489 1.99 -4.97 -29.47
C ALA B 489 1.87 -3.54 -30.01
N PRO B 490 1.79 -2.54 -29.16
CA PRO B 490 1.86 -1.14 -29.63
C PRO B 490 3.17 -0.76 -30.32
N THR B 491 4.27 -1.34 -29.84
CA THR B 491 5.64 -0.99 -30.29
C THR B 491 5.92 0.50 -30.18
N GLY B 492 5.42 1.13 -29.13
CA GLY B 492 5.50 2.57 -28.94
C GLY B 492 6.91 3.14 -28.97
N SER B 493 7.86 2.35 -28.47
CA SER B 493 9.25 2.73 -28.49
C SER B 493 10.07 1.99 -29.53
N ILE B 494 9.93 0.66 -29.63
CA ILE B 494 10.79 -0.10 -30.53
C ILE B 494 10.57 0.19 -32.03
N SER B 495 9.35 0.62 -32.39
CA SER B 495 9.10 0.98 -33.77
C SER B 495 9.83 2.31 -34.09
N ASN B 496 10.00 3.15 -33.08
CA ASN B 496 10.78 4.38 -33.22
C ASN B 496 12.29 4.09 -33.37
N ILE B 497 12.80 3.17 -32.55
CA ILE B 497 14.17 2.65 -32.73
C ILE B 497 14.41 2.03 -34.11
N ALA B 498 13.46 1.23 -34.60
CA ALA B 498 13.52 0.64 -35.93
C ALA B 498 13.20 1.54 -37.12
N ASP B 499 12.80 2.80 -36.86
CA ASP B 499 12.45 3.76 -37.86
C ASP B 499 11.33 3.22 -38.78
N THR B 500 10.22 2.76 -38.18
CA THR B 500 9.17 2.09 -38.94
C THR B 500 7.81 2.34 -38.30
N SER B 501 6.74 2.00 -38.98
CA SER B 501 5.37 2.23 -38.40
C SER B 501 5.11 1.27 -37.20
N SER B 502 4.10 1.60 -36.39
CA SER B 502 3.93 0.98 -35.10
C SER B 502 2.97 -0.16 -35.19
N GLY B 503 3.44 -1.33 -34.80
CA GLY B 503 2.59 -2.53 -34.78
C GLY B 503 1.84 -2.70 -36.08
N LEU B 504 0.56 -3.01 -35.95
CA LEU B 504 -0.36 -3.07 -37.08
C LEU B 504 -1.08 -1.78 -37.39
N GLU B 505 -0.77 -0.71 -36.68
CA GLU B 505 -1.50 0.58 -36.84
C GLU B 505 -1.16 1.27 -38.14
N PRO B 506 -2.13 1.98 -38.72
CA PRO B 506 -1.77 2.92 -39.80
C PRO B 506 -0.93 4.04 -39.24
N ASN B 507 -0.13 4.66 -40.08
CA ASN B 507 0.53 5.88 -39.64
C ASN B 507 -0.48 6.90 -39.18
N PHE B 508 -0.20 7.55 -38.06
CA PHE B 508 -1.12 8.51 -37.54
C PHE B 508 -0.98 9.78 -38.38
N LEU B 509 0.26 10.11 -38.77
CA LEU B 509 0.53 11.27 -39.63
C LEU B 509 1.67 10.97 -40.57
N LEU B 510 1.62 11.58 -41.73
CA LEU B 510 2.68 11.47 -42.74
C LEU B 510 3.79 12.51 -42.55
N ALA B 511 3.50 13.57 -41.81
CA ALA B 511 4.53 14.55 -41.45
C ALA B 511 4.12 15.31 -40.18
N TYR B 512 5.07 15.45 -39.23
CA TYR B 512 4.77 15.79 -37.80
C TYR B 512 6.00 15.86 -36.87
N THR B 513 5.85 16.60 -35.76
CA THR B 513 6.91 16.76 -34.75
C THR B 513 6.49 16.17 -33.38
N ARG B 514 7.44 15.52 -32.71
CA ARG B 514 7.16 14.81 -31.46
C ARG B 514 8.06 15.32 -30.36
N PHE B 515 7.61 15.15 -29.12
CA PHE B 515 8.33 15.65 -27.93
C PHE B 515 8.76 14.52 -26.96
N PRO B 525 14.18 17.00 -31.30
CA PRO B 525 13.10 17.99 -31.29
C PRO B 525 12.60 18.10 -32.70
N LEU B 526 11.30 18.08 -32.94
CA LEU B 526 10.78 17.90 -34.32
C LEU B 526 11.13 16.44 -34.70
N LEU B 527 11.12 16.00 -35.96
CA LEU B 527 10.08 16.18 -36.98
C LEU B 527 10.28 14.89 -37.76
N TYR B 528 9.19 14.19 -38.09
CA TYR B 528 9.25 12.89 -38.75
C TYR B 528 8.53 13.07 -40.05
N VAL B 529 9.02 12.48 -41.13
CA VAL B 529 8.31 12.62 -42.43
C VAL B 529 8.40 11.38 -43.30
N ASN B 530 7.24 10.82 -43.64
CA ASN B 530 7.23 9.40 -43.99
C ASN B 530 8.18 9.09 -45.12
N GLN B 531 9.09 8.17 -44.88
CA GLN B 531 10.12 7.91 -45.87
C GLN B 531 9.58 7.27 -47.13
N VAL B 532 8.63 6.35 -47.00
CA VAL B 532 8.03 5.75 -48.19
C VAL B 532 7.34 6.80 -49.05
N LEU B 533 6.67 7.76 -48.42
CA LEU B 533 6.06 8.85 -49.17
C LEU B 533 7.15 9.70 -49.83
N ARG B 534 8.23 9.94 -49.09
CA ARG B 534 9.34 10.74 -49.59
C ARG B 534 9.96 10.05 -50.81
N GLU B 535 10.06 8.71 -50.73
CA GLU B 535 10.57 7.90 -51.82
C GLU B 535 9.60 7.67 -52.95
N LYS B 536 8.33 8.07 -52.85
CA LYS B 536 7.36 7.82 -53.94
C LYS B 536 6.78 9.05 -54.60
N LEU B 537 6.45 10.04 -53.81
CA LEU B 537 5.72 11.21 -54.27
C LEU B 537 6.67 12.09 -55.06
N ASN B 538 6.16 12.70 -56.12
CA ASN B 538 6.98 13.59 -56.93
C ASN B 538 7.64 14.67 -56.07
N PRO B 539 8.99 14.73 -56.07
CA PRO B 539 9.71 15.57 -55.10
C PRO B 539 9.39 17.06 -55.22
N GLU B 540 8.75 17.45 -56.32
CA GLU B 540 8.35 18.82 -56.51
C GLU B 540 6.95 19.04 -55.95
N ILE B 541 6.03 18.14 -56.28
CA ILE B 541 4.64 18.28 -55.84
C ILE B 541 4.53 18.02 -54.32
N LEU B 542 5.69 17.80 -53.69
CA LEU B 542 5.84 17.41 -52.31
C LEU B 542 6.15 18.64 -51.49
N LYS B 543 7.13 19.41 -51.97
CA LYS B 543 7.49 20.69 -51.32
C LYS B 543 6.34 21.70 -51.42
N ARG B 544 5.50 21.54 -52.44
CA ARG B 544 4.14 22.05 -52.40
C ARG B 544 3.33 20.98 -51.66
N ILE B 545 2.28 21.39 -50.98
CA ILE B 545 1.43 20.48 -50.16
C ILE B 545 1.94 20.27 -48.73
N GLU B 546 3.26 20.23 -48.55
CA GLU B 546 3.89 19.96 -47.25
C GLU B 546 3.42 20.78 -46.06
N LYS B 547 3.26 22.07 -46.31
CA LYS B 547 2.76 23.01 -45.31
C LYS B 547 1.34 22.60 -44.96
N GLU B 548 0.53 22.48 -46.02
CA GLU B 548 -0.88 22.10 -45.92
C GLU B 548 -1.09 20.70 -45.28
N LEU B 549 -0.14 19.79 -45.55
CA LEU B 549 -0.19 18.42 -45.03
C LEU B 549 0.05 18.40 -43.52
N ILE B 550 1.04 19.14 -43.06
CA ILE B 550 1.22 19.33 -41.62
C ILE B 550 0.00 20.09 -41.01
N GLU B 551 -0.60 21.01 -41.75
CA GLU B 551 -1.81 21.73 -41.29
C GLU B 551 -3.05 20.86 -41.23
N LYS B 552 -3.36 20.19 -42.34
CA LYS B 552 -4.60 19.41 -42.46
C LYS B 552 -4.46 17.99 -41.88
N GLY B 553 -3.23 17.51 -41.74
CA GLY B 553 -2.97 16.20 -41.15
C GLY B 553 -3.29 15.01 -42.04
N SER B 554 -3.56 15.29 -43.32
CA SER B 554 -3.89 14.25 -44.31
C SER B 554 -3.73 14.82 -45.74
N LEU B 555 -3.63 13.93 -46.72
CA LEU B 555 -3.59 14.28 -48.13
C LEU B 555 -5.00 14.42 -48.74
N LYS B 556 -6.03 13.98 -48.03
CA LYS B 556 -7.38 13.74 -48.58
C LYS B 556 -7.92 14.86 -49.46
N ASP B 557 -7.94 16.07 -48.92
CA ASP B 557 -8.33 17.23 -49.71
C ASP B 557 -7.23 18.26 -49.76
N ILE B 558 -6.08 17.77 -50.23
CA ILE B 558 -5.11 18.60 -50.89
C ILE B 558 -5.35 18.28 -52.36
N PRO B 559 -5.46 19.31 -53.21
CA PRO B 559 -5.46 19.01 -54.63
C PRO B 559 -4.05 18.86 -55.23
N ASP B 560 -3.86 17.76 -55.97
CA ASP B 560 -2.72 17.59 -56.89
C ASP B 560 -1.29 17.46 -56.33
N VAL B 561 -0.76 16.26 -56.02
CA VAL B 561 -1.37 15.04 -55.38
C VAL B 561 -2.34 14.09 -56.16
N PRO B 562 -1.76 13.14 -56.92
CA PRO B 562 -2.52 12.14 -57.66
C PRO B 562 -3.40 11.31 -56.76
N GLU B 563 -4.63 11.05 -57.20
CA GLU B 563 -5.48 10.07 -56.54
C GLU B 563 -5.02 8.68 -56.95
N LYS B 564 -4.45 7.96 -55.99
CA LYS B 564 -3.55 6.85 -56.28
C LYS B 564 -2.51 6.94 -55.18
N ILE B 565 -1.85 8.08 -55.11
CA ILE B 565 -1.02 8.40 -53.97
C ILE B 565 -1.93 8.65 -52.78
N LYS B 566 -3.00 9.42 -53.00
CA LYS B 566 -4.00 9.66 -51.95
C LYS B 566 -4.55 8.37 -51.37
N LYS B 567 -4.92 7.43 -52.23
CA LYS B 567 -5.63 6.23 -51.77
C LYS B 567 -4.66 5.28 -51.06
N VAL B 568 -3.39 5.27 -51.47
CA VAL B 568 -2.39 4.44 -50.81
C VAL B 568 -1.94 5.07 -49.48
N PHE B 569 -1.57 6.35 -49.51
CA PHE B 569 -0.98 7.05 -48.38
C PHE B 569 -2.03 7.62 -47.43
N VAL B 570 -2.92 6.73 -47.00
CA VAL B 570 -3.85 7.00 -45.90
C VAL B 570 -3.26 6.96 -44.48
N VAL B 571 -3.83 7.80 -43.61
CA VAL B 571 -3.43 7.89 -42.22
C VAL B 571 -4.61 7.51 -41.35
N ALA B 572 -4.35 7.37 -40.06
CA ALA B 572 -5.35 6.77 -39.15
C ALA B 572 -6.78 7.36 -39.34
N LEU B 573 -6.89 8.68 -39.36
CA LEU B 573 -8.20 9.35 -39.46
C LEU B 573 -8.81 9.41 -40.87
N ASP B 574 -8.04 9.04 -41.91
CA ASP B 574 -8.60 8.73 -43.25
C ASP B 574 -9.39 7.40 -43.27
N ILE B 575 -9.18 6.58 -42.27
CA ILE B 575 -9.62 5.20 -42.29
C ILE B 575 -10.78 5.11 -41.32
N ASP B 576 -11.94 4.64 -41.77
CA ASP B 576 -13.13 4.67 -40.92
C ASP B 576 -13.15 3.62 -39.85
N PRO B 577 -13.89 3.88 -38.76
CA PRO B 577 -13.86 2.96 -37.62
C PRO B 577 -14.03 1.49 -37.96
N MET B 578 -14.92 1.18 -38.89
CA MET B 578 -15.16 -0.22 -39.22
C MET B 578 -13.95 -0.82 -39.96
N ASP B 579 -13.27 -0.01 -40.76
CA ASP B 579 -12.12 -0.55 -41.46
C ASP B 579 -10.94 -0.81 -40.43
N HIS B 580 -10.83 0.03 -39.39
CA HIS B 580 -9.89 -0.29 -38.24
C HIS B 580 -10.24 -1.65 -37.60
N LEU B 581 -11.53 -1.83 -37.30
CA LEU B 581 -12.01 -3.01 -36.58
C LEU B 581 -11.78 -4.28 -37.39
N LEU B 582 -12.02 -4.20 -38.70
CA LEU B 582 -11.97 -5.41 -39.54
C LEU B 582 -10.54 -5.80 -39.80
N MET B 583 -9.66 -4.82 -39.83
CA MET B 583 -8.22 -5.08 -39.82
C MET B 583 -7.81 -5.82 -38.54
N GLN B 584 -8.23 -5.33 -37.37
CA GLN B 584 -8.00 -6.08 -36.15
C GLN B 584 -8.47 -7.54 -36.21
N ASP B 585 -9.70 -7.80 -36.67
CA ASP B 585 -10.16 -9.16 -36.85
C ASP B 585 -9.27 -10.03 -37.78
N ALA B 586 -8.81 -9.46 -38.89
CA ALA B 586 -8.05 -10.23 -39.88
C ALA B 586 -6.77 -10.76 -39.21
N PHE B 587 -6.11 -9.90 -38.42
CA PHE B 587 -4.94 -10.33 -37.66
C PHE B 587 -5.31 -11.29 -36.52
N GLN B 588 -6.38 -11.01 -35.79
CA GLN B 588 -6.68 -11.81 -34.60
C GLN B 588 -7.00 -13.24 -34.94
N ARG B 589 -7.41 -13.51 -36.18
CA ARG B 589 -7.76 -14.86 -36.55
C ARG B 589 -6.54 -15.77 -36.59
N TYR B 590 -5.34 -15.18 -36.54
CA TYR B 590 -4.07 -15.90 -36.60
C TYR B 590 -3.09 -15.44 -35.51
N VAL B 591 -3.62 -14.92 -34.41
CA VAL B 591 -2.86 -14.59 -33.22
C VAL B 591 -3.39 -15.36 -32.02
N ASP B 592 -2.53 -16.12 -31.33
CA ASP B 592 -2.91 -16.91 -30.16
C ASP B 592 -3.09 -16.13 -28.84
N ASN B 593 -2.40 -15.00 -28.68
CA ASN B 593 -2.64 -14.07 -27.59
C ASN B 593 -3.62 -13.00 -28.12
N ASN B 594 -3.51 -11.75 -27.70
CA ASN B 594 -4.38 -10.71 -28.20
C ASN B 594 -3.63 -9.68 -29.08
N ILE B 595 -4.29 -8.55 -29.33
CA ILE B 595 -3.80 -7.48 -30.21
C ILE B 595 -4.04 -6.08 -29.62
N SER B 596 -3.02 -5.22 -29.68
CA SER B 596 -3.16 -3.80 -29.42
C SER B 596 -3.65 -3.07 -30.67
N LYS B 597 -4.88 -2.53 -30.63
CA LYS B 597 -5.43 -1.73 -31.73
C LYS B 597 -6.34 -0.65 -31.16
N THR B 598 -6.08 0.59 -31.55
CA THR B 598 -6.91 1.73 -31.20
C THR B 598 -7.92 1.92 -32.34
N ILE B 599 -9.23 1.87 -32.05
CA ILE B 599 -10.23 2.19 -33.07
C ILE B 599 -10.37 3.72 -33.08
N ASN B 600 -9.68 4.38 -34.01
CA ASN B 600 -9.75 5.84 -34.09
C ASN B 600 -11.13 6.22 -34.65
N MET B 601 -11.71 7.32 -34.17
CA MET B 601 -13.02 7.77 -34.62
C MET B 601 -13.02 9.28 -34.86
N PRO B 602 -13.75 9.73 -35.89
CA PRO B 602 -13.70 11.17 -36.19
C PRO B 602 -14.36 11.99 -35.06
N GLN B 603 -13.94 13.23 -34.91
CA GLN B 603 -14.49 14.15 -33.91
C GLN B 603 -15.99 14.15 -33.96
N SER B 604 -16.55 14.06 -35.16
CA SER B 604 -18.00 14.08 -35.35
C SER B 604 -18.72 12.80 -35.05
N ALA B 605 -18.02 11.72 -34.68
CA ALA B 605 -18.70 10.50 -34.30
C ALA B 605 -19.58 10.76 -33.09
N THR B 606 -20.62 9.95 -32.95
CA THR B 606 -21.56 10.02 -31.84
C THR B 606 -21.46 8.82 -30.93
N VAL B 607 -22.15 8.86 -29.77
CA VAL B 607 -22.21 7.70 -28.85
C VAL B 607 -22.76 6.46 -29.53
N ASP B 608 -23.68 6.67 -30.47
CA ASP B 608 -24.28 5.54 -31.16
C ASP B 608 -23.34 4.92 -32.15
N ASP B 609 -22.50 5.75 -32.76
CA ASP B 609 -21.42 5.26 -33.61
C ASP B 609 -20.48 4.34 -32.80
N VAL B 610 -20.17 4.72 -31.56
CA VAL B 610 -19.38 3.90 -30.64
C VAL B 610 -20.07 2.60 -30.32
N LEU B 611 -21.36 2.67 -29.98
CA LEU B 611 -22.10 1.44 -29.74
C LEU B 611 -22.08 0.49 -30.92
N ASN B 612 -22.23 1.01 -32.13
CA ASN B 612 -22.17 0.17 -33.33
C ASN B 612 -20.78 -0.54 -33.51
N VAL B 613 -19.69 0.14 -33.18
CA VAL B 613 -18.35 -0.51 -33.12
C VAL B 613 -18.39 -1.65 -32.13
N TYR B 614 -19.00 -1.45 -30.96
CA TYR B 614 -19.09 -2.53 -29.99
C TYR B 614 -19.84 -3.76 -30.45
N LEU B 615 -21.02 -3.56 -31.03
CA LEU B 615 -21.81 -4.63 -31.61
C LEU B 615 -21.07 -5.34 -32.76
N GLU B 616 -20.47 -4.60 -33.69
CA GLU B 616 -19.67 -5.32 -34.73
C GLU B 616 -18.51 -6.09 -34.10
N ALA B 617 -17.86 -5.49 -33.11
CA ALA B 617 -16.78 -6.16 -32.42
C ALA B 617 -17.23 -7.48 -31.84
N LEU B 618 -18.45 -7.52 -31.32
CA LEU B 618 -18.97 -8.76 -30.73
C LEU B 618 -19.21 -9.88 -31.73
N ARG B 619 -19.45 -9.50 -32.99
CA ARG B 619 -19.59 -10.46 -34.10
C ARG B 619 -18.25 -10.88 -34.68
N THR B 620 -17.27 -9.98 -34.67
CA THR B 620 -15.95 -10.33 -35.21
C THR B 620 -15.18 -11.28 -34.28
N ASN B 621 -13.94 -11.59 -34.64
CA ASN B 621 -13.12 -12.44 -33.79
C ASN B 621 -12.19 -11.63 -32.83
N VAL B 622 -12.44 -10.34 -32.66
CA VAL B 622 -11.58 -9.54 -31.75
C VAL B 622 -11.69 -9.96 -30.28
N ARG B 623 -10.58 -9.81 -29.55
CA ARG B 623 -10.52 -10.20 -28.16
C ARG B 623 -10.68 -9.02 -27.18
N GLY B 624 -10.67 -7.80 -27.70
CA GLY B 624 -10.92 -6.64 -26.88
C GLY B 624 -11.08 -5.45 -27.79
N ILE B 625 -11.46 -4.33 -27.19
CA ILE B 625 -11.65 -3.08 -27.93
C ILE B 625 -11.13 -1.86 -27.17
N THR B 626 -10.42 -1.01 -27.89
CA THR B 626 -10.05 0.33 -27.45
C THR B 626 -10.54 1.31 -28.51
N VAL B 627 -11.24 2.39 -28.10
CA VAL B 627 -11.63 3.48 -29.01
C VAL B 627 -10.99 4.79 -28.61
N TYR B 628 -10.70 5.62 -29.60
CA TYR B 628 -10.29 6.97 -29.33
C TYR B 628 -10.86 7.98 -30.34
N ARG B 629 -11.73 8.84 -29.84
CA ARG B 629 -12.36 9.85 -30.64
C ARG B 629 -11.48 11.09 -30.71
N ASP B 630 -11.13 11.47 -31.93
CA ASP B 630 -10.28 12.62 -32.17
C ASP B 630 -10.89 13.87 -31.50
N GLY B 631 -10.04 14.68 -30.86
CA GLY B 631 -10.46 15.91 -30.18
C GLY B 631 -11.07 15.70 -28.80
N SER B 632 -11.15 14.46 -28.37
CA SER B 632 -11.83 14.11 -27.13
C SER B 632 -11.12 14.63 -25.95
N LEU B 633 -9.89 14.20 -25.75
CA LEU B 633 -9.14 14.64 -24.58
C LEU B 633 -8.69 16.10 -24.79
#